data_4IJA
#
_entry.id   4IJA
#
_cell.length_a   66.470
_cell.length_b   73.220
_cell.length_c   157.380
_cell.angle_alpha   90.00
_cell.angle_beta   90.00
_cell.angle_gamma   90.00
#
_symmetry.space_group_name_H-M   'P 21 21 21'
#
loop_
_entity.id
_entity.type
_entity.pdbx_description
1 polymer 'XylR protein'
2 non-polymer 'PHOSPHATE ION'
3 non-polymer GLYCEROL
4 non-polymer 'POTASSIUM ION'
5 water water
#
_entity_poly.entity_id   1
_entity_poly.type   'polypeptide(L)'
_entity_poly.pdbx_seq_one_letter_code
;MGSSHHHHHHSSGENLYFQGPMNDNEKRVLREIYNHHNISRTQISKNLEINKATISSILNKLKYKSLVNEVGEGDSTKSG
GRKPILLKVNHLYGYFISLDLTYSSVEVMYNYFDGNVIKHESYDLPDEKVSSILSIIKKHIDIQEKLDTYNGLLGVSVSI
HGVVDNEQHVTYLPFHETEGISIAKKIKEITNVPVVVENEANLSALYERNFNHNLSYNNLIALSIHKGIGAGLIINNQLY
RGANGEAGEIGKTLVSKVSDNVEIFHKIEDIFSQEALLHNLSNQLNEKMTLSKLIQFYNEKNPVVVEEMEQFINKIAVLI
HNLNTQFNPNAIYINCPLFNEMPEILEAIKNQFKQYSRNEIQIKLTSNVKFATLLGGTLAIIQKVLQINDIYLDIKA
;
_entity_poly.pdbx_strand_id   A,B
#
# COMPACT_ATOMS: atom_id res chain seq x y z
N PRO A 21 10.79 -24.29 23.45
CA PRO A 21 9.37 -24.59 23.69
C PRO A 21 8.55 -23.32 23.79
N MET A 22 8.97 -22.36 24.64
CA MET A 22 8.30 -21.06 24.79
C MET A 22 9.04 -19.97 23.96
N ASN A 23 9.61 -20.37 22.80
CA ASN A 23 10.38 -19.51 21.89
C ASN A 23 9.58 -18.27 21.46
N ASP A 24 8.30 -18.47 21.08
CA ASP A 24 7.43 -17.39 20.67
C ASP A 24 7.17 -16.39 21.82
N ASN A 25 6.83 -16.87 23.05
CA ASN A 25 6.59 -15.95 24.16
C ASN A 25 7.90 -15.26 24.60
N GLU A 26 9.09 -15.91 24.41
CA GLU A 26 10.39 -15.28 24.68
C GLU A 26 10.59 -14.13 23.72
N LYS A 27 10.22 -14.36 22.44
CA LYS A 27 10.31 -13.34 21.40
C LYS A 27 9.36 -12.18 21.71
N ARG A 28 8.13 -12.49 22.16
CA ARG A 28 7.11 -11.47 22.47
C ARG A 28 7.58 -10.56 23.63
N VAL A 29 8.14 -11.16 24.70
CA VAL A 29 8.63 -10.41 25.87
C VAL A 29 9.82 -9.52 25.44
N LEU A 30 10.76 -10.09 24.69
CA LEU A 30 11.94 -9.36 24.21
C LEU A 30 11.49 -8.19 23.34
N ARG A 31 10.48 -8.39 22.48
CA ARG A 31 9.93 -7.32 21.61
C ARG A 31 9.34 -6.18 22.47
N GLU A 32 8.61 -6.52 23.55
CA GLU A 32 8.05 -5.52 24.47
C GLU A 32 9.15 -4.66 25.08
N ILE A 33 10.29 -5.29 25.40
CA ILE A 33 11.43 -4.62 26.04
C ILE A 33 12.08 -3.65 25.07
N TYR A 34 12.25 -4.05 23.80
CA TYR A 34 12.77 -3.17 22.75
C TYR A 34 11.82 -1.98 22.52
N ASN A 35 10.49 -2.26 22.52
CA ASN A 35 9.45 -1.26 22.16
C ASN A 35 9.04 -0.32 23.28
N HIS A 36 9.39 -0.63 24.52
CA HIS A 36 8.99 0.17 25.67
C HIS A 36 10.15 0.36 26.59
N HIS A 37 10.63 1.62 26.66
CA HIS A 37 11.76 2.03 27.47
C HIS A 37 11.52 1.78 28.97
N ASN A 38 12.34 0.90 29.54
CA ASN A 38 12.35 0.51 30.95
C ASN A 38 10.97 0.04 31.40
N ILE A 39 10.30 -0.80 30.57
CA ILE A 39 9.00 -1.40 30.86
C ILE A 39 9.13 -2.29 32.13
N SER A 40 8.09 -2.33 32.95
CA SER A 40 8.07 -3.16 34.15
C SER A 40 7.64 -4.57 33.79
N ARG A 41 8.02 -5.54 34.63
CA ARG A 41 7.62 -6.95 34.50
C ARG A 41 6.08 -7.05 34.43
N THR A 42 5.37 -6.31 35.31
CA THR A 42 3.90 -6.29 35.40
C THR A 42 3.27 -5.69 34.14
N GLN A 43 3.88 -4.62 33.57
CA GLN A 43 3.41 -4.02 32.34
C GLN A 43 3.57 -5.01 31.16
N ILE A 44 4.70 -5.77 31.12
CA ILE A 44 4.90 -6.78 30.06
C ILE A 44 3.75 -7.82 30.14
N SER A 45 3.47 -8.29 31.38
CA SER A 45 2.43 -9.26 31.70
C SER A 45 1.07 -8.77 31.21
N LYS A 46 0.76 -7.48 31.47
CA LYS A 46 -0.49 -6.82 31.07
C LYS A 46 -0.56 -6.68 29.55
N ASN A 47 0.54 -6.25 28.90
CA ASN A 47 0.55 -6.04 27.44
C ASN A 47 0.35 -7.34 26.66
N LEU A 48 0.92 -8.44 27.16
CA LEU A 48 0.91 -9.72 26.47
C LEU A 48 -0.18 -10.66 26.91
N GLU A 49 -0.87 -10.34 28.03
CA GLU A 49 -1.93 -11.16 28.64
C GLU A 49 -1.38 -12.54 28.99
N ILE A 50 -0.23 -12.52 29.68
CA ILE A 50 0.47 -13.71 30.17
C ILE A 50 0.68 -13.47 31.66
N ASN A 51 0.44 -14.50 32.50
CA ASN A 51 0.57 -14.40 33.96
C ASN A 51 1.99 -14.01 34.38
N LYS A 52 2.09 -13.34 35.54
CA LYS A 52 3.31 -12.81 36.14
C LYS A 52 4.39 -13.87 36.35
N ALA A 53 3.99 -15.09 36.78
CA ALA A 53 4.87 -16.24 37.03
C ALA A 53 5.57 -16.66 35.75
N THR A 54 4.81 -16.77 34.63
CA THR A 54 5.36 -17.12 33.32
C THR A 54 6.26 -15.97 32.79
N ILE A 55 5.88 -14.71 33.03
CA ILE A 55 6.69 -13.55 32.61
C ILE A 55 8.02 -13.55 33.39
N SER A 56 7.97 -13.85 34.71
CA SER A 56 9.18 -13.92 35.54
C SER A 56 10.11 -15.04 35.04
N SER A 57 9.54 -16.20 34.67
CA SER A 57 10.27 -17.36 34.16
C SER A 57 10.96 -17.01 32.81
N ILE A 58 10.20 -16.39 31.87
CA ILE A 58 10.70 -15.96 30.55
C ILE A 58 11.84 -14.94 30.74
N LEU A 59 11.64 -13.96 31.65
CA LEU A 59 12.64 -12.91 31.91
C LEU A 59 13.93 -13.51 32.44
N ASN A 60 13.83 -14.51 33.34
CA ASN A 60 14.98 -15.19 33.93
C ASN A 60 15.80 -15.92 32.84
N LYS A 61 15.14 -16.53 31.83
CA LYS A 61 15.83 -17.17 30.69
C LYS A 61 16.52 -16.09 29.81
N LEU A 62 15.82 -15.00 29.54
CA LEU A 62 16.36 -13.88 28.74
C LEU A 62 17.54 -13.21 29.48
N LYS A 63 17.45 -13.10 30.82
CA LYS A 63 18.57 -12.55 31.62
C LYS A 63 19.75 -13.52 31.61
N TYR A 64 19.45 -14.84 31.71
CA TYR A 64 20.43 -15.92 31.72
C TYR A 64 21.22 -15.95 30.42
N LYS A 65 20.55 -15.68 29.29
CA LYS A 65 21.15 -15.65 27.96
C LYS A 65 21.87 -14.31 27.68
N SER A 66 21.86 -13.38 28.68
CA SER A 66 22.48 -12.04 28.61
C SER A 66 21.82 -11.13 27.55
N LEU A 67 20.56 -11.42 27.16
CA LEU A 67 19.83 -10.61 26.20
C LEU A 67 19.20 -9.38 26.86
N VAL A 68 18.80 -9.51 28.13
CA VAL A 68 18.11 -8.44 28.87
C VAL A 68 18.73 -8.29 30.26
N ASN A 69 18.65 -7.08 30.82
CA ASN A 69 19.09 -6.78 32.17
C ASN A 69 17.97 -6.09 32.89
N GLU A 70 18.03 -6.11 34.23
CA GLU A 70 17.13 -5.31 35.04
C GLU A 70 17.79 -3.93 35.15
N VAL A 71 16.98 -2.89 35.23
CA VAL A 71 17.48 -1.53 35.34
C VAL A 71 17.72 -1.23 36.81
N GLY A 72 18.91 -0.70 37.13
CA GLY A 72 19.32 -0.38 38.49
C GLY A 72 18.57 0.78 39.11
N GLY A 80 5.19 4.49 48.00
CA GLY A 80 5.01 3.29 48.81
C GLY A 80 4.83 2.01 48.02
N GLY A 81 4.75 0.88 48.74
CA GLY A 81 4.56 -0.45 48.17
C GLY A 81 5.80 -1.03 47.50
N ARG A 82 5.62 -2.18 46.85
CA ARG A 82 6.65 -2.95 46.18
C ARG A 82 7.27 -2.21 44.99
N LYS A 83 8.61 -2.22 44.89
CA LYS A 83 9.35 -1.57 43.81
C LYS A 83 9.11 -2.28 42.47
N PRO A 84 8.82 -1.56 41.37
CA PRO A 84 8.65 -2.23 40.08
C PRO A 84 10.00 -2.75 39.57
N ILE A 85 9.98 -3.88 38.84
CA ILE A 85 11.17 -4.43 38.20
C ILE A 85 11.15 -3.93 36.78
N LEU A 86 12.16 -3.11 36.40
CA LEU A 86 12.24 -2.50 35.06
C LEU A 86 13.24 -3.23 34.21
N LEU A 87 12.93 -3.42 32.93
CA LEU A 87 13.77 -4.19 32.02
C LEU A 87 14.27 -3.36 30.85
N LYS A 88 15.46 -3.71 30.33
CA LYS A 88 16.06 -3.10 29.16
C LYS A 88 16.79 -4.18 28.40
N VAL A 89 17.07 -3.92 27.11
CA VAL A 89 17.85 -4.82 26.27
C VAL A 89 19.33 -4.63 26.67
N ASN A 90 20.07 -5.73 26.81
CA ASN A 90 21.49 -5.66 27.15
C ASN A 90 22.26 -5.24 25.92
N HIS A 91 22.71 -3.96 25.88
CA HIS A 91 23.44 -3.39 24.74
C HIS A 91 24.77 -4.11 24.52
N LEU A 92 25.35 -4.74 25.57
CA LEU A 92 26.63 -5.42 25.44
C LEU A 92 26.49 -6.89 25.02
N TYR A 93 25.29 -7.33 24.62
CA TYR A 93 25.13 -8.73 24.19
C TYR A 93 25.97 -9.00 22.94
N GLY A 94 25.99 -8.01 22.04
CA GLY A 94 26.71 -8.07 20.79
C GLY A 94 26.48 -6.80 20.04
N TYR A 95 26.98 -6.74 18.80
CA TYR A 95 26.77 -5.53 18.01
C TYR A 95 26.42 -5.89 16.57
N PHE A 96 25.86 -4.92 15.86
CA PHE A 96 25.50 -5.06 14.45
C PHE A 96 26.29 -4.06 13.64
N ILE A 97 26.41 -4.35 12.35
CA ILE A 97 26.98 -3.38 11.42
C ILE A 97 25.91 -3.02 10.41
N SER A 98 25.73 -1.71 10.16
CA SER A 98 24.84 -1.23 9.12
C SER A 98 25.69 -0.53 8.08
N LEU A 99 25.61 -1.01 6.83
CA LEU A 99 26.38 -0.46 5.71
C LEU A 99 25.48 0.28 4.74
N ASP A 100 25.95 1.42 4.23
CA ASP A 100 25.24 2.14 3.18
C ASP A 100 26.18 2.37 2.02
N LEU A 101 25.83 1.77 0.88
CA LEU A 101 26.66 1.86 -0.34
C LEU A 101 26.08 3.00 -1.18
N THR A 102 26.67 4.19 -1.03
CA THR A 102 26.18 5.38 -1.73
C THR A 102 26.89 5.49 -3.07
N TYR A 103 26.62 6.58 -3.81
CA TYR A 103 27.22 6.79 -5.13
C TYR A 103 28.71 7.15 -5.02
N SER A 104 29.16 7.67 -3.86
CA SER A 104 30.55 8.06 -3.70
C SER A 104 31.20 7.56 -2.40
N SER A 105 30.49 6.78 -1.57
CA SER A 105 31.07 6.35 -0.30
C SER A 105 30.53 5.03 0.22
N VAL A 106 31.24 4.49 1.19
CA VAL A 106 30.85 3.31 1.95
C VAL A 106 30.67 3.82 3.36
N GLU A 107 29.43 3.87 3.82
CA GLU A 107 29.09 4.31 5.16
C GLU A 107 29.06 3.09 6.05
N VAL A 108 29.79 3.13 7.17
CA VAL A 108 29.87 2.00 8.10
C VAL A 108 29.42 2.45 9.48
N MET A 109 28.28 1.91 9.94
CA MET A 109 27.75 2.20 11.28
C MET A 109 27.81 0.95 12.14
N TYR A 110 28.25 1.11 13.42
CA TYR A 110 28.29 0.03 14.43
C TYR A 110 27.23 0.33 15.46
N ASN A 111 26.39 -0.66 15.78
CA ASN A 111 25.32 -0.48 16.76
C ASN A 111 25.35 -1.55 17.82
N TYR A 112 25.05 -1.17 19.08
CA TYR A 112 24.92 -2.15 20.16
C TYR A 112 23.67 -2.99 19.92
N PHE A 113 23.51 -4.06 20.70
CA PHE A 113 22.37 -4.97 20.59
C PHE A 113 21.01 -4.25 20.79
N ASP A 114 21.00 -3.14 21.54
CA ASP A 114 19.81 -2.31 21.76
C ASP A 114 19.64 -1.25 20.65
N GLY A 115 20.48 -1.28 19.62
CA GLY A 115 20.39 -0.35 18.49
C GLY A 115 21.21 0.92 18.60
N ASN A 116 21.69 1.26 19.80
CA ASN A 116 22.46 2.48 20.01
C ASN A 116 23.76 2.50 19.23
N VAL A 117 24.07 3.68 18.68
CA VAL A 117 25.26 3.88 17.83
C VAL A 117 26.52 3.85 18.67
N ILE A 118 27.46 2.95 18.30
CA ILE A 118 28.77 2.86 18.91
C ILE A 118 29.65 3.91 18.22
N LYS A 119 29.74 3.82 16.90
CA LYS A 119 30.57 4.68 16.07
C LYS A 119 30.12 4.58 14.63
N HIS A 120 30.51 5.55 13.82
CA HIS A 120 30.19 5.61 12.41
C HIS A 120 31.38 6.13 11.66
N GLU A 121 31.68 5.51 10.52
CA GLU A 121 32.80 5.87 9.65
C GLU A 121 32.34 5.99 8.20
N SER A 122 32.98 6.88 7.43
CA SER A 122 32.65 7.10 6.02
C SER A 122 33.91 6.96 5.19
N TYR A 123 33.87 6.06 4.21
CA TYR A 123 35.04 5.80 3.35
C TYR A 123 34.73 6.21 1.94
N ASP A 124 35.70 6.88 1.31
CA ASP A 124 35.59 7.30 -0.08
C ASP A 124 35.55 6.07 -0.99
N LEU A 125 34.68 6.11 -2.00
CA LEU A 125 34.57 5.04 -2.98
C LEU A 125 35.29 5.51 -4.24
N PRO A 126 36.47 4.91 -4.56
CA PRO A 126 37.26 5.41 -5.71
C PRO A 126 36.59 5.23 -7.08
N ASP A 127 35.74 4.21 -7.24
CA ASP A 127 35.04 3.88 -8.49
C ASP A 127 33.77 3.07 -8.20
N GLU A 128 33.07 2.68 -9.27
CA GLU A 128 31.79 1.93 -9.24
C GLU A 128 31.95 0.44 -8.92
N LYS A 129 33.18 -0.13 -9.06
CA LYS A 129 33.45 -1.57 -8.86
C LYS A 129 33.05 -2.11 -7.48
N VAL A 130 32.37 -3.28 -7.49
CA VAL A 130 31.94 -4.04 -6.32
C VAL A 130 33.21 -4.50 -5.56
N SER A 131 34.29 -4.81 -6.32
CA SER A 131 35.60 -5.20 -5.79
C SER A 131 36.16 -4.09 -4.89
N SER A 132 35.96 -2.81 -5.26
CA SER A 132 36.41 -1.65 -4.49
C SER A 132 35.60 -1.54 -3.19
N ILE A 133 34.30 -1.90 -3.23
CA ILE A 133 33.44 -1.88 -2.03
C ILE A 133 33.94 -2.94 -1.05
N LEU A 134 34.16 -4.17 -1.56
CA LEU A 134 34.61 -5.33 -0.79
C LEU A 134 36.00 -5.11 -0.22
N SER A 135 36.88 -4.40 -0.97
CA SER A 135 38.23 -4.02 -0.54
C SER A 135 38.13 -3.11 0.70
N ILE A 136 37.22 -2.14 0.69
CA ILE A 136 36.98 -1.23 1.84
C ILE A 136 36.48 -2.04 3.05
N ILE A 137 35.50 -2.95 2.82
CA ILE A 137 34.92 -3.81 3.85
C ILE A 137 36.02 -4.67 4.50
N LYS A 138 36.89 -5.30 3.70
CA LYS A 138 37.97 -6.14 4.23
C LYS A 138 39.05 -5.30 4.97
N LYS A 139 39.39 -4.12 4.43
CA LYS A 139 40.46 -3.29 4.99
C LYS A 139 40.07 -2.49 6.22
N HIS A 140 38.79 -2.10 6.36
CA HIS A 140 38.39 -1.23 7.46
C HIS A 140 37.43 -1.86 8.47
N ILE A 141 37.07 -3.14 8.31
CA ILE A 141 36.18 -3.81 9.27
C ILE A 141 36.92 -5.02 9.86
N ASP A 142 37.13 -4.99 11.17
CA ASP A 142 37.76 -6.10 11.90
C ASP A 142 36.61 -6.91 12.50
N ILE A 143 36.25 -8.03 11.85
CA ILE A 143 35.11 -8.87 12.26
C ILE A 143 35.38 -9.66 13.56
N GLN A 144 36.64 -9.76 14.00
CA GLN A 144 37.01 -10.46 15.24
C GLN A 144 36.91 -9.52 16.47
N GLU A 145 36.84 -8.21 16.22
CA GLU A 145 36.72 -7.18 17.26
C GLU A 145 35.37 -7.31 17.96
N LYS A 146 35.38 -7.39 19.29
CA LYS A 146 34.18 -7.60 20.09
C LYS A 146 33.55 -6.29 20.54
N LEU A 147 34.32 -5.17 20.59
CA LEU A 147 33.88 -3.85 20.99
C LEU A 147 33.23 -3.86 22.40
N ASP A 148 33.82 -4.65 23.30
CA ASP A 148 33.43 -4.84 24.70
C ASP A 148 32.08 -5.53 24.82
N THR A 149 31.64 -6.23 23.76
CA THR A 149 30.38 -6.98 23.82
C THR A 149 30.73 -8.43 24.08
N TYR A 150 29.76 -9.24 24.48
CA TYR A 150 30.03 -10.64 24.80
C TYR A 150 30.19 -11.49 23.55
N ASN A 151 29.33 -11.29 22.53
CA ASN A 151 29.32 -12.13 21.33
C ASN A 151 29.86 -11.49 20.07
N GLY A 152 30.27 -10.23 20.15
CA GLY A 152 30.80 -9.54 18.98
C GLY A 152 29.75 -9.32 17.90
N LEU A 153 30.17 -9.42 16.63
CA LEU A 153 29.33 -9.16 15.45
C LEU A 153 28.20 -10.18 15.34
N LEU A 154 26.96 -9.69 15.27
CA LEU A 154 25.76 -10.54 15.20
C LEU A 154 25.12 -10.55 13.82
N GLY A 155 25.34 -9.50 13.05
CA GLY A 155 24.73 -9.40 11.72
C GLY A 155 25.08 -8.12 11.01
N VAL A 156 24.85 -8.12 9.69
CA VAL A 156 25.17 -6.96 8.85
C VAL A 156 23.98 -6.60 7.99
N SER A 157 23.63 -5.32 7.99
CA SER A 157 22.65 -4.80 7.05
C SER A 157 23.40 -4.08 5.91
N VAL A 158 22.92 -4.26 4.67
CA VAL A 158 23.51 -3.60 3.51
C VAL A 158 22.44 -2.79 2.81
N SER A 159 22.64 -1.48 2.75
CA SER A 159 21.73 -0.58 2.07
C SER A 159 22.25 -0.28 0.65
N ILE A 160 21.39 -0.43 -0.39
CA ILE A 160 21.78 -0.19 -1.79
C ILE A 160 20.81 0.72 -2.54
N HIS A 161 21.31 1.41 -3.62
CA HIS A 161 20.53 2.25 -4.56
C HIS A 161 20.09 1.34 -5.71
N GLY A 162 19.34 0.33 -5.37
CA GLY A 162 18.86 -0.64 -6.32
C GLY A 162 17.69 -1.42 -5.77
N VAL A 163 17.30 -2.46 -6.49
CA VAL A 163 16.15 -3.31 -6.21
C VAL A 163 16.61 -4.65 -5.65
N VAL A 164 15.94 -5.07 -4.57
CA VAL A 164 16.13 -6.37 -3.94
C VAL A 164 14.76 -7.05 -4.00
N ASP A 165 14.69 -8.28 -4.53
CA ASP A 165 13.42 -9.01 -4.59
C ASP A 165 13.09 -9.56 -3.17
N ASN A 166 11.95 -10.23 -3.01
CA ASN A 166 11.52 -10.76 -1.70
C ASN A 166 12.33 -12.00 -1.27
N GLU A 167 13.23 -12.51 -2.11
CA GLU A 167 14.05 -13.68 -1.77
C GLU A 167 15.52 -13.26 -1.58
N GLN A 168 15.76 -11.95 -1.31
CA GLN A 168 17.06 -11.34 -1.07
C GLN A 168 18.02 -11.35 -2.30
N HIS A 169 17.47 -11.46 -3.52
CA HIS A 169 18.25 -11.36 -4.75
C HIS A 169 18.24 -9.93 -5.22
N VAL A 170 19.45 -9.34 -5.47
CA VAL A 170 19.64 -8.00 -6.01
C VAL A 170 19.36 -8.11 -7.51
N THR A 171 18.23 -7.54 -7.99
CA THR A 171 17.82 -7.63 -9.39
C THR A 171 18.09 -6.33 -10.20
N TYR A 172 18.30 -5.19 -9.48
CA TYR A 172 18.50 -3.82 -9.99
C TYR A 172 17.43 -3.43 -11.02
N GLY A 180 28.35 -12.53 -11.26
CA GLY A 180 28.57 -13.89 -10.78
C GLY A 180 27.84 -14.17 -9.48
N ILE A 181 28.34 -13.58 -8.38
CA ILE A 181 27.78 -13.72 -7.02
C ILE A 181 27.29 -12.34 -6.54
N SER A 182 26.23 -12.30 -5.71
CA SER A 182 25.67 -11.07 -5.14
C SER A 182 26.64 -10.43 -4.13
N ILE A 183 26.61 -9.08 -4.05
CA ILE A 183 27.45 -8.29 -3.15
C ILE A 183 27.13 -8.66 -1.68
N ALA A 184 25.83 -8.89 -1.38
CA ALA A 184 25.38 -9.28 -0.05
C ALA A 184 25.95 -10.65 0.36
N LYS A 185 25.93 -11.64 -0.56
CA LYS A 185 26.49 -12.98 -0.28
C LYS A 185 28.01 -12.90 -0.15
N LYS A 186 28.66 -11.99 -0.89
CA LYS A 186 30.10 -11.73 -0.82
C LYS A 186 30.46 -11.16 0.54
N ILE A 187 29.57 -10.29 1.09
CA ILE A 187 29.68 -9.67 2.41
C ILE A 187 29.41 -10.73 3.50
N LYS A 188 28.40 -11.61 3.27
CA LYS A 188 28.04 -12.73 4.15
C LYS A 188 29.24 -13.66 4.36
N GLU A 189 30.04 -13.88 3.30
CA GLU A 189 31.23 -14.73 3.40
C GLU A 189 32.35 -14.01 4.15
N ILE A 190 32.66 -12.73 3.81
CA ILE A 190 33.71 -11.94 4.47
C ILE A 190 33.45 -11.82 6.00
N THR A 191 32.17 -11.57 6.40
CA THR A 191 31.81 -11.35 7.81
C THR A 191 31.39 -12.63 8.58
N ASN A 192 30.79 -13.65 7.89
CA ASN A 192 30.34 -14.93 8.48
C ASN A 192 29.19 -14.75 9.53
N VAL A 193 28.24 -13.84 9.25
CA VAL A 193 27.09 -13.57 10.11
C VAL A 193 25.84 -13.41 9.21
N PRO A 194 24.59 -13.49 9.74
CA PRO A 194 23.43 -13.20 8.90
C PRO A 194 23.50 -11.80 8.27
N VAL A 195 23.04 -11.70 7.04
CA VAL A 195 23.09 -10.45 6.25
C VAL A 195 21.73 -10.15 5.64
N VAL A 196 21.37 -8.88 5.66
CA VAL A 196 20.17 -8.38 5.00
C VAL A 196 20.58 -7.31 4.01
N VAL A 197 20.01 -7.39 2.79
CA VAL A 197 20.23 -6.41 1.74
C VAL A 197 18.86 -5.75 1.47
N GLU A 198 18.85 -4.42 1.39
CA GLU A 198 17.60 -3.72 1.18
C GLU A 198 17.85 -2.41 0.48
N ASN A 199 16.83 -1.94 -0.28
CA ASN A 199 16.84 -0.65 -0.96
C ASN A 199 16.90 0.48 0.09
N GLU A 200 17.70 1.51 -0.19
CA GLU A 200 17.93 2.64 0.71
C GLU A 200 16.63 3.38 1.09
N ALA A 201 15.70 3.54 0.13
CA ALA A 201 14.44 4.27 0.41
C ALA A 201 13.55 3.44 1.33
N ASN A 202 13.54 2.11 1.14
CA ASN A 202 12.81 1.16 1.99
C ASN A 202 13.33 1.21 3.43
N LEU A 203 14.66 1.27 3.59
CA LEU A 203 15.28 1.35 4.91
C LEU A 203 14.95 2.68 5.61
N SER A 204 14.99 3.79 4.85
CA SER A 204 14.63 5.11 5.38
C SER A 204 13.16 5.14 5.83
N ALA A 205 12.26 4.43 5.11
CA ALA A 205 10.83 4.34 5.48
C ALA A 205 10.66 3.57 6.81
N LEU A 206 11.48 2.53 7.02
CA LEU A 206 11.47 1.77 8.31
C LEU A 206 11.91 2.70 9.42
N TYR A 207 12.95 3.49 9.16
CA TYR A 207 13.38 4.47 10.13
C TYR A 207 12.25 5.47 10.47
N GLU A 208 11.57 5.99 9.44
CA GLU A 208 10.50 6.98 9.62
C GLU A 208 9.32 6.37 10.34
N ARG A 209 9.05 5.10 10.09
CA ARG A 209 7.98 4.39 10.79
C ARG A 209 8.23 4.45 12.29
N ASN A 210 9.47 4.11 12.71
CA ASN A 210 9.77 4.12 14.14
C ASN A 210 9.96 5.54 14.68
N PHE A 211 10.52 6.47 13.90
CA PHE A 211 10.69 7.86 14.37
C PHE A 211 9.33 8.52 14.68
N ASN A 212 8.29 8.21 13.90
CA ASN A 212 6.96 8.82 14.00
C ASN A 212 5.93 7.90 14.58
N HIS A 213 6.39 6.79 15.20
CA HIS A 213 5.49 5.82 15.80
C HIS A 213 4.66 6.47 16.93
N ASN A 214 5.19 7.50 17.62
CA ASN A 214 4.45 8.18 18.71
C ASN A 214 3.28 9.01 18.15
N LEU A 215 3.26 9.28 16.83
CA LEU A 215 2.21 10.02 16.17
C LEU A 215 1.22 9.06 15.50
N SER A 216 1.49 7.74 15.63
CA SER A 216 0.73 6.63 15.02
C SER A 216 0.63 6.80 13.49
N TYR A 217 1.72 7.19 12.82
CA TYR A 217 1.67 7.32 11.37
C TYR A 217 1.95 5.91 10.75
N ASN A 218 0.91 5.09 10.67
CA ASN A 218 1.06 3.72 10.16
C ASN A 218 1.11 3.67 8.64
N ASN A 219 0.89 4.83 7.97
CA ASN A 219 0.97 4.98 6.52
C ASN A 219 1.88 6.14 6.21
N LEU A 220 3.05 5.86 5.64
CA LEU A 220 3.96 6.94 5.31
C LEU A 220 4.86 6.55 4.14
N ILE A 221 5.49 7.57 3.55
CA ILE A 221 6.39 7.39 2.43
C ILE A 221 7.68 8.09 2.73
N ALA A 222 8.82 7.41 2.49
CA ALA A 222 10.15 8.02 2.53
C ALA A 222 10.54 8.22 1.07
N LEU A 223 10.46 9.46 0.58
CA LEU A 223 10.72 9.79 -0.83
C LEU A 223 12.18 10.21 -1.03
N SER A 224 12.90 9.44 -1.86
CA SER A 224 14.31 9.62 -2.12
C SER A 224 14.52 10.25 -3.51
N ILE A 225 15.14 11.45 -3.57
CA ILE A 225 15.40 12.14 -4.85
C ILE A 225 16.90 12.40 -4.99
N HIS A 226 17.57 11.60 -5.80
CA HIS A 226 19.02 11.77 -6.01
C HIS A 226 19.28 11.50 -7.49
N LYS A 227 19.95 10.38 -7.85
CA LYS A 227 20.16 10.05 -9.27
C LYS A 227 18.84 9.58 -9.87
N GLY A 228 18.05 8.88 -9.07
CA GLY A 228 16.72 8.43 -9.43
C GLY A 228 15.71 8.98 -8.44
N ILE A 229 14.47 8.49 -8.52
CA ILE A 229 13.39 8.84 -7.60
C ILE A 229 12.85 7.52 -7.05
N GLY A 230 12.95 7.37 -5.75
CA GLY A 230 12.55 6.13 -5.09
C GLY A 230 11.68 6.43 -3.89
N ALA A 231 10.86 5.45 -3.51
CA ALA A 231 9.98 5.62 -2.37
C ALA A 231 9.96 4.38 -1.53
N GLY A 232 10.15 4.59 -0.25
CA GLY A 232 10.03 3.55 0.76
C GLY A 232 8.58 3.66 1.23
N LEU A 233 7.81 2.56 1.15
CA LEU A 233 6.38 2.63 1.50
C LEU A 233 6.04 1.90 2.80
N ILE A 234 5.47 2.63 3.76
CA ILE A 234 4.95 2.02 4.97
C ILE A 234 3.44 1.98 4.79
N ILE A 235 2.88 0.78 4.76
CA ILE A 235 1.43 0.59 4.59
C ILE A 235 0.97 -0.28 5.72
N ASN A 236 0.06 0.25 6.55
CA ASN A 236 -0.49 -0.42 7.73
C ASN A 236 0.67 -0.90 8.62
N ASN A 237 1.64 0.01 8.90
CA ASN A 237 2.81 -0.23 9.76
C ASN A 237 3.79 -1.27 9.22
N GLN A 238 3.68 -1.62 7.94
CA GLN A 238 4.61 -2.58 7.39
C GLN A 238 5.25 -2.03 6.16
N LEU A 239 6.53 -2.35 5.98
CA LEU A 239 7.28 -2.02 4.77
C LEU A 239 6.65 -2.81 3.63
N TYR A 240 6.09 -2.10 2.64
CA TYR A 240 5.45 -2.77 1.51
C TYR A 240 6.43 -2.80 0.35
N ARG A 241 6.83 -4.01 -0.07
CA ARG A 241 7.86 -4.18 -1.11
C ARG A 241 7.29 -4.58 -2.46
N GLY A 242 6.04 -4.99 -2.53
CA GLY A 242 5.46 -5.45 -3.80
C GLY A 242 5.81 -6.90 -4.06
N ALA A 243 5.24 -7.47 -5.13
CA ALA A 243 5.43 -8.87 -5.53
C ALA A 243 6.90 -9.18 -5.86
N ASN A 244 7.65 -8.22 -6.42
CA ASN A 244 9.06 -8.44 -6.85
C ASN A 244 10.06 -7.53 -6.11
N GLY A 245 9.60 -6.82 -5.08
CA GLY A 245 10.46 -5.88 -4.36
C GLY A 245 10.57 -4.55 -5.06
N GLU A 246 9.71 -4.31 -6.07
CA GLU A 246 9.73 -3.08 -6.90
C GLU A 246 8.66 -2.05 -6.51
N ALA A 247 7.88 -2.25 -5.44
CA ALA A 247 6.94 -1.18 -5.03
C ALA A 247 7.73 0.09 -4.69
N GLY A 248 7.15 1.24 -5.05
CA GLY A 248 7.78 2.53 -4.80
C GLY A 248 8.89 2.91 -5.76
N GLU A 249 9.00 2.20 -6.90
CA GLU A 249 9.98 2.53 -7.96
C GLU A 249 9.35 3.62 -8.86
N ILE A 250 8.95 4.70 -8.21
CA ILE A 250 8.19 5.84 -8.74
C ILE A 250 8.98 6.59 -9.83
N GLY A 251 10.32 6.50 -9.79
CA GLY A 251 11.19 7.13 -10.79
C GLY A 251 10.98 6.60 -12.20
N LYS A 252 10.46 5.36 -12.31
CA LYS A 252 10.20 4.69 -13.60
C LYS A 252 8.81 5.03 -14.15
N THR A 253 7.99 5.81 -13.40
CA THR A 253 6.66 6.24 -13.88
C THR A 253 6.86 6.99 -15.20
N LEU A 254 6.01 6.69 -16.19
CA LEU A 254 6.11 7.31 -17.51
C LEU A 254 5.12 8.46 -17.66
N VAL A 255 5.62 9.60 -18.14
CA VAL A 255 4.82 10.79 -18.44
C VAL A 255 5.04 11.15 -19.91
N SER A 256 3.99 11.61 -20.58
CA SER A 256 4.08 11.92 -22.00
C SER A 256 4.27 13.40 -22.27
N LYS A 257 4.88 13.68 -23.43
CA LYS A 257 5.09 15.02 -23.97
C LYS A 257 4.92 14.90 -25.49
N VAL A 258 3.98 15.65 -26.05
CA VAL A 258 3.72 15.62 -27.50
C VAL A 258 4.72 16.55 -28.19
N SER A 259 5.51 15.97 -29.11
CA SER A 259 6.51 16.68 -29.91
C SER A 259 6.39 16.22 -31.35
N ASP A 260 6.29 17.19 -32.28
CA ASP A 260 6.13 16.97 -33.72
C ASP A 260 4.93 16.03 -33.99
N ASN A 261 3.81 16.30 -33.26
CA ASN A 261 2.52 15.59 -33.31
C ASN A 261 2.67 14.09 -32.88
N VAL A 262 3.75 13.77 -32.12
CA VAL A 262 4.04 12.42 -31.63
C VAL A 262 4.18 12.45 -30.11
N GLU A 263 3.36 11.63 -29.44
CA GLU A 263 3.37 11.51 -27.98
C GLU A 263 4.54 10.61 -27.57
N ILE A 264 5.54 11.21 -26.89
CA ILE A 264 6.73 10.50 -26.41
C ILE A 264 6.65 10.34 -24.89
N PHE A 265 6.92 9.13 -24.37
CA PHE A 265 6.90 8.83 -22.95
C PHE A 265 8.28 8.86 -22.39
N HIS A 266 8.41 9.50 -21.22
CA HIS A 266 9.68 9.65 -20.50
C HIS A 266 9.52 9.22 -19.06
N LYS A 267 10.57 8.61 -18.48
CA LYS A 267 10.62 8.27 -17.05
C LYS A 267 10.79 9.58 -16.28
N ILE A 268 9.98 9.83 -15.23
CA ILE A 268 10.07 11.08 -14.47
C ILE A 268 11.48 11.33 -13.86
N GLU A 269 12.22 10.25 -13.53
CA GLU A 269 13.56 10.43 -12.98
C GLU A 269 14.54 10.97 -14.04
N ASP A 270 14.18 10.90 -15.33
CA ASP A 270 14.97 11.49 -16.41
C ASP A 270 14.57 12.96 -16.62
N ILE A 271 13.55 13.44 -15.86
CA ILE A 271 13.07 14.82 -15.98
C ILE A 271 13.38 15.61 -14.71
N PHE A 272 13.05 15.05 -13.54
CA PHE A 272 13.22 15.81 -12.30
C PHE A 272 13.76 15.01 -11.12
N SER A 273 14.71 14.10 -11.40
CA SER A 273 15.50 13.57 -10.29
C SER A 273 16.55 14.70 -10.05
N GLN A 274 17.33 14.65 -8.98
CA GLN A 274 18.34 15.70 -8.78
C GLN A 274 19.40 15.63 -9.91
N GLU A 275 19.76 14.40 -10.36
CA GLU A 275 20.72 14.24 -11.45
C GLU A 275 20.20 14.85 -12.76
N ALA A 276 18.90 14.69 -13.07
CA ALA A 276 18.28 15.22 -14.27
C ALA A 276 18.30 16.76 -14.26
N LEU A 277 18.06 17.34 -13.08
CA LEU A 277 18.09 18.77 -12.89
C LEU A 277 19.51 19.30 -13.15
N LEU A 278 20.54 18.66 -12.55
CA LEU A 278 21.93 19.04 -12.76
C LEU A 278 22.37 18.87 -14.22
N HIS A 279 22.00 17.74 -14.87
CA HIS A 279 22.32 17.48 -16.28
C HIS A 279 21.66 18.53 -17.21
N ASN A 280 20.41 18.92 -16.91
CA ASN A 280 19.64 19.90 -17.66
C ASN A 280 20.33 21.27 -17.56
N LEU A 281 20.73 21.65 -16.34
CA LEU A 281 21.43 22.91 -16.09
C LEU A 281 22.84 22.91 -16.69
N SER A 282 23.48 21.73 -16.82
CA SER A 282 24.79 21.63 -17.48
C SER A 282 24.66 21.97 -18.98
N ASN A 283 23.55 21.55 -19.62
CA ASN A 283 23.26 21.79 -21.04
C ASN A 283 22.91 23.27 -21.28
N GLN A 284 22.12 23.88 -20.37
CA GLN A 284 21.68 25.27 -20.44
C GLN A 284 22.83 26.26 -20.15
N LEU A 285 23.71 25.94 -19.18
CA LEU A 285 24.82 26.83 -18.81
C LEU A 285 26.14 26.46 -19.51
N ASN A 286 26.13 25.37 -20.30
CA ASN A 286 27.28 24.84 -21.05
C ASN A 286 28.53 24.65 -20.16
N GLU A 287 28.32 24.22 -18.91
CA GLU A 287 29.40 23.90 -17.97
C GLU A 287 28.97 22.74 -17.12
N LYS A 288 29.92 22.02 -16.50
CA LYS A 288 29.68 20.85 -15.66
C LYS A 288 29.03 21.31 -14.35
N MET A 289 27.77 20.92 -14.13
CA MET A 289 27.10 21.32 -12.92
C MET A 289 27.14 20.24 -11.86
N THR A 290 27.53 20.66 -10.67
CA THR A 290 27.57 19.86 -9.44
C THR A 290 26.54 20.45 -8.51
N LEU A 291 26.19 19.73 -7.44
CA LEU A 291 25.24 20.23 -6.45
C LEU A 291 25.75 21.52 -5.82
N SER A 292 27.06 21.57 -5.51
CA SER A 292 27.71 22.74 -4.89
C SER A 292 27.61 23.97 -5.81
N LYS A 293 27.78 23.78 -7.12
CA LYS A 293 27.66 24.85 -8.10
C LYS A 293 26.21 25.31 -8.23
N LEU A 294 25.26 24.36 -8.23
CA LEU A 294 23.84 24.67 -8.30
C LEU A 294 23.42 25.58 -7.14
N ILE A 295 23.78 25.22 -5.89
CA ILE A 295 23.46 25.98 -4.68
C ILE A 295 24.05 27.39 -4.80
N GLN A 296 25.31 27.50 -5.23
CA GLN A 296 26.04 28.76 -5.40
C GLN A 296 25.36 29.66 -6.42
N PHE A 297 25.07 29.11 -7.61
CA PHE A 297 24.41 29.84 -8.70
C PHE A 297 22.99 30.25 -8.29
N TYR A 298 22.29 29.41 -7.47
CA TYR A 298 20.94 29.68 -6.97
C TYR A 298 20.94 30.81 -5.95
N ASN A 299 21.88 30.79 -4.99
CA ASN A 299 22.04 31.85 -3.98
C ASN A 299 22.43 33.18 -4.64
N GLU A 300 23.19 33.15 -5.76
CA GLU A 300 23.60 34.32 -6.55
C GLU A 300 22.44 34.83 -7.43
N LYS A 301 21.35 34.04 -7.47
CA LYS A 301 20.13 34.31 -8.24
C LYS A 301 20.40 34.38 -9.77
N ASN A 302 21.22 33.44 -10.31
CA ASN A 302 21.44 33.24 -11.75
C ASN A 302 20.05 32.91 -12.34
N PRO A 303 19.57 33.68 -13.33
CA PRO A 303 18.19 33.48 -13.83
C PRO A 303 17.89 32.12 -14.43
N VAL A 304 18.87 31.49 -15.11
CA VAL A 304 18.67 30.16 -15.71
C VAL A 304 18.40 29.14 -14.59
N VAL A 305 19.19 29.23 -13.50
CA VAL A 305 19.11 28.37 -12.34
C VAL A 305 17.82 28.66 -11.54
N VAL A 306 17.47 29.94 -11.33
CA VAL A 306 16.25 30.30 -10.58
C VAL A 306 15.00 29.75 -11.31
N GLU A 307 14.92 29.94 -12.64
CA GLU A 307 13.77 29.49 -13.45
C GLU A 307 13.61 27.97 -13.38
N GLU A 308 14.72 27.25 -13.52
CA GLU A 308 14.74 25.80 -13.50
C GLU A 308 14.33 25.25 -12.10
N MET A 309 14.76 25.95 -11.03
CA MET A 309 14.44 25.58 -9.67
C MET A 309 12.93 25.74 -9.40
N GLU A 310 12.32 26.83 -9.89
CA GLU A 310 10.87 27.07 -9.75
C GLU A 310 10.10 25.93 -10.40
N GLN A 311 10.57 25.51 -11.59
CA GLN A 311 9.98 24.38 -12.33
C GLN A 311 10.21 23.07 -11.58
N PHE A 312 11.41 22.88 -11.00
CA PHE A 312 11.74 21.66 -10.26
C PHE A 312 10.87 21.56 -9.00
N ILE A 313 10.74 22.67 -8.25
CA ILE A 313 9.91 22.76 -7.04
C ILE A 313 8.43 22.42 -7.38
N ASN A 314 7.94 22.93 -8.52
CA ASN A 314 6.58 22.69 -8.97
C ASN A 314 6.34 21.21 -9.32
N LYS A 315 7.30 20.58 -10.02
CA LYS A 315 7.21 19.17 -10.38
C LYS A 315 7.20 18.26 -9.15
N ILE A 316 7.97 18.62 -8.11
CA ILE A 316 8.04 17.85 -6.88
C ILE A 316 6.73 18.05 -6.11
N ALA A 317 6.17 19.27 -6.12
CA ALA A 317 4.87 19.52 -5.46
C ALA A 317 3.76 18.66 -6.10
N VAL A 318 3.76 18.57 -7.45
CA VAL A 318 2.79 17.76 -8.23
C VAL A 318 3.01 16.28 -7.93
N LEU A 319 4.28 15.86 -7.85
CA LEU A 319 4.68 14.49 -7.50
C LEU A 319 4.10 14.11 -6.12
N ILE A 320 4.20 15.01 -5.13
CA ILE A 320 3.64 14.78 -3.78
C ILE A 320 2.12 14.67 -3.87
N HIS A 321 1.47 15.54 -4.69
CA HIS A 321 0.01 15.46 -4.87
C HIS A 321 -0.36 14.08 -5.42
N ASN A 322 0.39 13.62 -6.45
CA ASN A 322 0.14 12.34 -7.14
C ASN A 322 0.34 11.17 -6.19
N LEU A 323 1.40 11.21 -5.38
CA LEU A 323 1.69 10.18 -4.38
C LEU A 323 0.58 10.14 -3.33
N ASN A 324 0.02 11.30 -3.01
CA ASN A 324 -1.08 11.38 -2.06
C ASN A 324 -2.38 10.80 -2.63
N THR A 325 -2.65 11.00 -3.93
CA THR A 325 -3.90 10.49 -4.50
C THR A 325 -3.76 8.99 -4.78
N GLN A 326 -2.53 8.48 -4.87
CA GLN A 326 -2.27 7.08 -5.13
C GLN A 326 -2.24 6.29 -3.83
N PHE A 327 -1.40 6.73 -2.86
CA PHE A 327 -1.15 6.03 -1.60
C PHE A 327 -1.85 6.65 -0.41
N ASN A 328 -2.16 7.97 -0.47
CA ASN A 328 -2.87 8.69 0.61
C ASN A 328 -2.22 8.39 1.98
N PRO A 329 -0.91 8.65 2.13
CA PRO A 329 -0.25 8.40 3.43
C PRO A 329 -0.56 9.50 4.43
N ASN A 330 -0.21 9.28 5.72
CA ASN A 330 -0.31 10.32 6.73
C ASN A 330 0.73 11.40 6.46
N ALA A 331 1.90 10.97 5.96
CA ALA A 331 3.04 11.85 5.80
C ALA A 331 3.99 11.36 4.74
N ILE A 332 4.76 12.30 4.21
CA ILE A 332 5.82 12.03 3.25
C ILE A 332 7.08 12.74 3.77
N TYR A 333 8.20 12.01 3.76
CA TYR A 333 9.50 12.50 4.22
C TYR A 333 10.40 12.46 3.04
N ILE A 334 10.84 13.65 2.61
CA ILE A 334 11.68 13.75 1.42
C ILE A 334 13.15 13.78 1.80
N ASN A 335 13.94 12.95 1.12
CA ASN A 335 15.41 12.91 1.25
C ASN A 335 16.01 13.29 -0.11
N CYS A 336 16.34 14.57 -0.27
CA CYS A 336 16.93 15.12 -1.49
C CYS A 336 18.14 15.95 -1.08
N PRO A 337 19.37 15.63 -1.52
CA PRO A 337 20.55 16.41 -1.05
C PRO A 337 20.38 17.94 -1.19
N LEU A 338 19.77 18.41 -2.30
CA LEU A 338 19.54 19.84 -2.53
C LEU A 338 18.66 20.46 -1.40
N PHE A 339 17.59 19.75 -1.00
CA PHE A 339 16.66 20.22 0.04
C PHE A 339 17.30 20.15 1.40
N ASN A 340 18.18 19.15 1.67
CA ASN A 340 18.90 19.07 2.94
C ASN A 340 19.89 20.23 3.07
N GLU A 341 20.42 20.73 1.94
CA GLU A 341 21.36 21.85 1.98
C GLU A 341 20.62 23.18 2.07
N MET A 342 19.38 23.24 1.57
CA MET A 342 18.52 24.45 1.60
C MET A 342 17.13 24.07 2.14
N PRO A 343 16.99 23.79 3.46
CA PRO A 343 15.69 23.30 3.97
C PRO A 343 14.50 24.23 3.78
N GLU A 344 14.74 25.56 3.53
CA GLU A 344 13.65 26.52 3.30
C GLU A 344 12.86 26.17 2.03
N ILE A 345 13.45 25.41 1.08
CA ILE A 345 12.78 24.97 -0.16
C ILE A 345 11.54 24.10 0.19
N LEU A 346 11.51 23.46 1.39
CA LEU A 346 10.35 22.69 1.87
C LEU A 346 9.11 23.59 1.87
N GLU A 347 9.25 24.85 2.37
CA GLU A 347 8.14 25.80 2.40
C GLU A 347 7.68 26.16 0.98
N ALA A 348 8.60 26.25 0.01
CA ALA A 348 8.25 26.56 -1.39
C ALA A 348 7.48 25.38 -2.00
N ILE A 349 7.89 24.13 -1.65
CA ILE A 349 7.21 22.91 -2.08
C ILE A 349 5.79 22.90 -1.48
N LYS A 350 5.67 23.17 -0.16
CA LYS A 350 4.38 23.20 0.55
C LYS A 350 3.46 24.26 -0.04
N ASN A 351 3.98 25.47 -0.35
CA ASN A 351 3.24 26.58 -0.98
C ASN A 351 2.75 26.20 -2.39
N GLN A 352 3.61 25.56 -3.18
CA GLN A 352 3.26 25.13 -4.54
C GLN A 352 2.24 23.95 -4.48
N PHE A 353 2.34 23.07 -3.46
CA PHE A 353 1.43 21.92 -3.26
C PHE A 353 -0.03 22.39 -3.06
N LYS A 354 -0.21 23.52 -2.34
CA LYS A 354 -1.52 24.16 -2.04
C LYS A 354 -2.27 24.59 -3.29
N GLN A 355 -1.57 24.80 -4.42
CA GLN A 355 -2.18 25.19 -5.70
C GLN A 355 -2.93 24.02 -6.31
N TYR A 356 -2.54 22.79 -5.96
CA TYR A 356 -3.08 21.54 -6.49
C TYR A 356 -3.98 20.78 -5.52
N SER A 357 -3.75 20.89 -4.21
CA SER A 357 -4.51 20.12 -3.22
C SER A 357 -4.70 20.85 -1.89
N ARG A 358 -5.86 20.56 -1.22
CA ARG A 358 -6.20 21.06 0.12
C ARG A 358 -5.98 19.95 1.18
N ASN A 359 -5.55 18.72 0.77
CA ASN A 359 -5.27 17.62 1.69
C ASN A 359 -4.23 18.04 2.75
N GLU A 360 -4.39 17.54 3.97
CA GLU A 360 -3.59 17.87 5.12
C GLU A 360 -2.37 16.96 5.31
N ILE A 361 -1.98 16.22 4.24
CA ILE A 361 -0.80 15.34 4.30
C ILE A 361 0.40 16.13 4.89
N GLN A 362 1.13 15.51 5.80
CA GLN A 362 2.33 16.14 6.36
C GLN A 362 3.44 16.02 5.34
N ILE A 363 3.98 17.16 4.88
CA ILE A 363 5.08 17.18 3.91
C ILE A 363 6.31 17.62 4.66
N LYS A 364 7.28 16.72 4.80
CA LYS A 364 8.47 16.99 5.58
C LYS A 364 9.73 16.56 4.87
N LEU A 365 10.87 17.03 5.37
CA LEU A 365 12.16 16.53 4.94
C LEU A 365 12.45 15.32 5.83
N THR A 366 13.42 14.49 5.43
CA THR A 366 13.86 13.33 6.19
C THR A 366 14.05 13.72 7.67
N SER A 367 13.71 12.83 8.59
CA SER A 367 13.81 13.10 10.02
C SER A 367 15.23 13.00 10.51
N ASN A 368 16.14 12.42 9.69
CA ASN A 368 17.54 12.29 10.08
C ASN A 368 18.42 12.26 8.82
N VAL A 369 18.97 13.43 8.43
CA VAL A 369 19.77 13.55 7.21
C VAL A 369 20.93 12.54 7.22
N LYS A 370 21.71 12.55 8.29
CA LYS A 370 22.89 11.72 8.38
C LYS A 370 22.61 10.23 8.57
N PHE A 371 21.58 9.85 9.35
CA PHE A 371 21.48 8.46 9.73
C PHE A 371 20.15 7.72 9.46
N ALA A 372 19.13 8.35 8.86
CA ALA A 372 17.86 7.63 8.62
C ALA A 372 18.07 6.26 7.93
N THR A 373 18.81 6.23 6.82
CA THR A 373 19.03 5.00 6.05
C THR A 373 19.80 3.98 6.85
N LEU A 374 20.93 4.41 7.45
CA LEU A 374 21.78 3.55 8.27
C LEU A 374 21.02 2.96 9.45
N LEU A 375 20.23 3.78 10.17
CA LEU A 375 19.45 3.30 11.33
C LEU A 375 18.27 2.42 10.88
N GLY A 376 17.73 2.67 9.68
CA GLY A 376 16.71 1.78 9.13
C GLY A 376 17.32 0.40 8.89
N GLY A 377 18.61 0.38 8.45
CA GLY A 377 19.39 -0.84 8.24
C GLY A 377 19.61 -1.57 9.55
N THR A 378 19.94 -0.82 10.63
CA THR A 378 20.07 -1.38 11.97
C THR A 378 18.78 -2.11 12.37
N LEU A 379 17.62 -1.47 12.16
CA LEU A 379 16.32 -2.06 12.46
C LEU A 379 16.09 -3.34 11.68
N ALA A 380 16.41 -3.34 10.38
CA ALA A 380 16.20 -4.50 9.52
C ALA A 380 17.04 -5.69 9.95
N ILE A 381 18.30 -5.45 10.38
CA ILE A 381 19.17 -6.55 10.79
C ILE A 381 18.76 -7.06 12.19
N ILE A 382 18.29 -6.18 13.08
CA ILE A 382 17.82 -6.58 14.40
C ILE A 382 16.64 -7.53 14.20
N GLN A 383 15.67 -7.11 13.36
CA GLN A 383 14.47 -7.90 13.08
C GLN A 383 14.82 -9.25 12.46
N LYS A 384 15.80 -9.28 11.55
CA LYS A 384 16.19 -10.55 10.93
C LYS A 384 16.87 -11.51 11.90
N VAL A 385 17.89 -11.06 12.65
CA VAL A 385 18.64 -11.95 13.53
C VAL A 385 17.74 -12.51 14.65
N LEU A 386 16.84 -11.67 15.17
CA LEU A 386 15.95 -12.05 16.25
C LEU A 386 14.72 -12.82 15.76
N GLN A 387 14.35 -12.63 14.47
CA GLN A 387 13.17 -13.21 13.82
C GLN A 387 11.93 -12.67 14.52
N ILE A 388 11.94 -11.34 14.75
CA ILE A 388 10.88 -10.57 15.39
C ILE A 388 10.50 -9.43 14.48
N ASN A 389 9.24 -9.38 14.13
CA ASN A 389 8.72 -8.30 13.34
C ASN A 389 8.19 -7.24 14.28
N ASP A 390 8.00 -6.02 13.75
CA ASP A 390 7.42 -4.88 14.46
C ASP A 390 8.22 -4.47 15.67
N ILE A 391 9.51 -4.32 15.47
CA ILE A 391 10.31 -3.69 16.51
C ILE A 391 10.18 -2.17 16.19
N TYR A 392 9.60 -1.42 17.13
CA TYR A 392 9.30 0.00 16.97
C TYR A 392 10.36 0.93 17.56
N LEU A 393 11.50 0.35 18.01
CA LEU A 393 12.64 1.07 18.58
C LEU A 393 13.02 2.29 17.73
N ASP A 394 13.08 3.47 18.36
CA ASP A 394 13.46 4.72 17.73
C ASP A 394 14.85 5.12 18.22
N ILE A 395 15.88 4.74 17.43
CA ILE A 395 17.27 4.98 17.80
C ILE A 395 17.59 6.46 17.62
N LYS A 396 18.01 7.12 18.69
CA LYS A 396 18.34 8.54 18.59
C LYS A 396 19.85 8.71 18.38
N ALA A 397 20.22 9.32 17.24
CA ALA A 397 21.60 9.60 16.84
C ALA A 397 21.66 10.79 15.85
N ASP B 24 -10.17 -16.23 19.43
CA ASP B 24 -11.58 -16.62 19.35
C ASP B 24 -11.71 -17.80 18.38
N ASN B 25 -11.58 -19.00 18.94
CA ASN B 25 -11.64 -20.28 18.23
C ASN B 25 -13.03 -20.50 17.61
N GLU B 26 -14.09 -19.96 18.25
CA GLU B 26 -15.46 -19.98 17.74
C GLU B 26 -15.53 -19.22 16.39
N LYS B 27 -14.81 -18.06 16.27
CA LYS B 27 -14.70 -17.24 15.05
C LYS B 27 -13.83 -17.96 14.01
N ARG B 28 -12.73 -18.63 14.45
CA ARG B 28 -11.84 -19.38 13.55
C ARG B 28 -12.56 -20.54 12.86
N VAL B 29 -13.37 -21.32 13.60
CA VAL B 29 -14.13 -22.45 13.06
C VAL B 29 -15.18 -21.95 12.09
N LEU B 30 -15.92 -20.88 12.47
CA LEU B 30 -16.92 -20.29 11.59
C LEU B 30 -16.27 -19.81 10.29
N ARG B 31 -15.08 -19.17 10.39
CA ARG B 31 -14.32 -18.69 9.22
C ARG B 31 -13.92 -19.86 8.30
N GLU B 32 -13.49 -21.01 8.89
CA GLU B 32 -13.14 -22.21 8.13
C GLU B 32 -14.32 -22.73 7.30
N ILE B 33 -15.52 -22.71 7.91
CA ILE B 33 -16.76 -23.19 7.29
C ILE B 33 -17.13 -22.27 6.13
N TYR B 34 -16.98 -20.93 6.27
CA TYR B 34 -17.21 -19.97 5.18
C TYR B 34 -16.22 -20.17 4.04
N ASN B 35 -14.93 -20.40 4.37
CA ASN B 35 -13.83 -20.50 3.42
C ASN B 35 -13.70 -21.87 2.72
N HIS B 36 -14.34 -22.91 3.25
CA HIS B 36 -14.33 -24.27 2.71
C HIS B 36 -15.76 -24.79 2.79
N HIS B 37 -16.60 -24.42 1.81
CA HIS B 37 -18.05 -24.65 1.69
C HIS B 37 -18.60 -25.81 2.53
N ASN B 38 -18.16 -27.05 2.23
CA ASN B 38 -18.58 -28.27 2.93
C ASN B 38 -17.33 -28.95 3.47
N ILE B 39 -17.02 -28.60 4.70
CA ILE B 39 -15.83 -29.06 5.40
C ILE B 39 -16.23 -29.97 6.54
N SER B 40 -15.52 -31.08 6.68
CA SER B 40 -15.77 -32.04 7.76
C SER B 40 -15.21 -31.51 9.09
N ARG B 41 -15.69 -32.08 10.22
CA ARG B 41 -15.26 -31.74 11.59
C ARG B 41 -13.77 -32.06 11.77
N THR B 42 -13.29 -33.12 11.10
CA THR B 42 -11.91 -33.58 11.13
C THR B 42 -11.03 -32.65 10.30
N GLN B 43 -11.53 -32.18 9.11
CA GLN B 43 -10.77 -31.26 8.27
C GLN B 43 -10.61 -29.90 8.97
N ILE B 44 -11.67 -29.41 9.67
CA ILE B 44 -11.58 -28.13 10.43
C ILE B 44 -10.48 -28.27 11.49
N SER B 45 -10.50 -29.40 12.23
CA SER B 45 -9.56 -29.76 13.29
C SER B 45 -8.14 -29.75 12.76
N LYS B 46 -7.92 -30.35 11.58
CA LYS B 46 -6.63 -30.42 10.89
C LYS B 46 -6.18 -29.05 10.41
N ASN B 47 -7.08 -28.24 9.82
CA ASN B 47 -6.74 -26.91 9.30
C ASN B 47 -6.36 -25.92 10.41
N LEU B 48 -7.01 -26.01 11.57
CA LEU B 48 -6.81 -25.08 12.67
C LEU B 48 -5.85 -25.58 13.74
N GLU B 49 -5.46 -26.87 13.69
CA GLU B 49 -4.57 -27.55 14.65
C GLU B 49 -5.17 -27.45 16.06
N ILE B 50 -6.45 -27.83 16.16
CA ILE B 50 -7.24 -27.87 17.38
C ILE B 50 -7.82 -29.28 17.46
N ASN B 51 -7.80 -29.92 18.65
CA ASN B 51 -8.30 -31.28 18.85
C ASN B 51 -9.78 -31.41 18.48
N LYS B 52 -10.17 -32.64 18.05
CA LYS B 52 -11.52 -33.01 17.60
C LYS B 52 -12.61 -32.72 18.63
N ALA B 53 -12.31 -32.98 19.92
CA ALA B 53 -13.23 -32.76 21.05
C ALA B 53 -13.59 -31.28 21.18
N THR B 54 -12.58 -30.38 21.08
CA THR B 54 -12.78 -28.93 21.15
C THR B 54 -13.54 -28.45 19.89
N ILE B 55 -13.23 -29.03 18.70
CA ILE B 55 -13.91 -28.66 17.46
C ILE B 55 -15.39 -29.08 17.55
N SER B 56 -15.67 -30.28 18.10
CA SER B 56 -17.04 -30.76 18.29
C SER B 56 -17.81 -29.86 19.26
N SER B 57 -17.16 -29.40 20.34
CA SER B 57 -17.74 -28.50 21.33
C SER B 57 -18.10 -27.14 20.69
N ILE B 58 -17.15 -26.54 19.96
CA ILE B 58 -17.32 -25.26 19.25
C ILE B 58 -18.46 -25.37 18.23
N LEU B 59 -18.49 -26.49 17.47
CA LEU B 59 -19.52 -26.73 16.45
C LEU B 59 -20.90 -26.84 17.06
N ASN B 60 -21.02 -27.48 18.25
CA ASN B 60 -22.28 -27.65 18.97
C ASN B 60 -22.83 -26.28 19.42
N LYS B 61 -21.96 -25.33 19.83
CA LYS B 61 -22.38 -23.97 20.20
C LYS B 61 -22.85 -23.21 18.92
N LEU B 62 -22.09 -23.34 17.81
CA LEU B 62 -22.41 -22.70 16.54
C LEU B 62 -23.70 -23.28 15.96
N LYS B 63 -23.95 -24.59 16.13
CA LYS B 63 -25.19 -25.24 15.69
C LYS B 63 -26.36 -24.77 16.54
N TYR B 64 -26.12 -24.63 17.86
CA TYR B 64 -27.10 -24.19 18.85
C TYR B 64 -27.58 -22.77 18.55
N LYS B 65 -26.66 -21.90 18.09
CA LYS B 65 -26.94 -20.51 17.73
C LYS B 65 -27.54 -20.40 16.31
N SER B 66 -27.73 -21.55 15.60
CA SER B 66 -28.28 -21.66 14.23
C SER B 66 -27.36 -20.98 13.17
N LEU B 67 -26.07 -20.82 13.48
CA LEU B 67 -25.10 -20.22 12.55
C LEU B 67 -24.57 -21.24 11.55
N VAL B 68 -24.54 -22.52 11.95
CA VAL B 68 -23.98 -23.64 11.19
C VAL B 68 -25.01 -24.79 11.16
N ASN B 69 -25.07 -25.52 10.02
CA ASN B 69 -25.92 -26.70 9.81
C ASN B 69 -25.09 -27.85 9.27
N GLU B 70 -25.53 -29.08 9.53
CA GLU B 70 -24.90 -30.31 9.05
C GLU B 70 -25.50 -30.74 7.72
N VAL B 71 -24.67 -31.31 6.83
CA VAL B 71 -25.06 -31.78 5.51
C VAL B 71 -24.76 -33.27 5.42
N ILE B 85 -21.53 -35.38 8.63
CA ILE B 85 -20.12 -35.46 8.24
C ILE B 85 -19.60 -34.06 7.87
N LEU B 86 -20.30 -33.35 6.96
CA LEU B 86 -19.90 -32.03 6.42
C LEU B 86 -20.67 -30.86 7.05
N LEU B 87 -19.99 -29.72 7.22
CA LEU B 87 -20.59 -28.52 7.81
C LEU B 87 -20.71 -27.38 6.81
N LYS B 88 -21.84 -26.71 6.90
CA LYS B 88 -22.21 -25.59 6.05
C LYS B 88 -22.66 -24.41 6.91
N VAL B 89 -22.43 -23.20 6.42
CA VAL B 89 -22.94 -21.99 7.05
C VAL B 89 -24.45 -22.02 6.83
N ASN B 90 -25.23 -21.90 7.91
CA ASN B 90 -26.67 -21.93 7.78
C ASN B 90 -27.13 -20.70 7.03
N HIS B 91 -27.47 -20.87 5.74
CA HIS B 91 -27.91 -19.77 4.87
C HIS B 91 -29.21 -19.13 5.38
N LEU B 92 -30.02 -19.88 6.14
CA LEU B 92 -31.30 -19.37 6.66
C LEU B 92 -31.15 -18.65 8.03
N TYR B 93 -29.91 -18.40 8.49
CA TYR B 93 -29.75 -17.69 9.77
C TYR B 93 -30.32 -16.28 9.67
N GLY B 94 -30.10 -15.66 8.53
CA GLY B 94 -30.55 -14.32 8.22
C GLY B 94 -30.08 -13.94 6.84
N TYR B 95 -30.28 -12.68 6.46
CA TYR B 95 -29.84 -12.25 5.14
C TYR B 95 -29.22 -10.86 5.21
N PHE B 96 -28.46 -10.51 4.18
CA PHE B 96 -27.81 -9.22 4.05
C PHE B 96 -28.32 -8.52 2.83
N ILE B 97 -28.18 -7.19 2.80
CA ILE B 97 -28.48 -6.44 1.61
C ILE B 97 -27.20 -5.75 1.16
N SER B 98 -26.86 -5.86 -0.12
CA SER B 98 -25.72 -5.16 -0.72
C SER B 98 -26.29 -4.15 -1.74
N LEU B 99 -26.01 -2.87 -1.52
CA LEU B 99 -26.49 -1.79 -2.39
C LEU B 99 -25.35 -1.20 -3.22
N ASP B 100 -25.62 -0.88 -4.48
CA ASP B 100 -24.65 -0.18 -5.32
C ASP B 100 -25.33 1.07 -5.89
N LEU B 101 -24.82 2.22 -5.50
CA LEU B 101 -25.37 3.51 -5.92
C LEU B 101 -24.58 3.96 -7.15
N THR B 102 -25.13 3.68 -8.34
CA THR B 102 -24.45 3.99 -9.60
C THR B 102 -24.87 5.41 -10.05
N TYR B 103 -24.40 5.85 -11.21
CA TYR B 103 -24.75 7.16 -11.75
C TYR B 103 -26.25 7.24 -12.04
N SER B 104 -26.85 6.14 -12.55
CA SER B 104 -28.23 6.15 -13.00
C SER B 104 -29.16 5.16 -12.30
N SER B 105 -28.66 4.40 -11.31
CA SER B 105 -29.50 3.40 -10.68
C SER B 105 -29.13 3.07 -9.23
N VAL B 106 -30.05 2.41 -8.57
CA VAL B 106 -29.85 1.85 -7.23
C VAL B 106 -29.94 0.34 -7.43
N GLU B 107 -28.79 -0.34 -7.31
CA GLU B 107 -28.70 -1.79 -7.43
C GLU B 107 -28.91 -2.39 -6.05
N VAL B 108 -29.85 -3.35 -5.94
CA VAL B 108 -30.19 -3.96 -4.66
C VAL B 108 -29.99 -5.46 -4.77
N MET B 109 -29.00 -6.00 -4.02
CA MET B 109 -28.75 -7.43 -3.96
C MET B 109 -29.10 -7.96 -2.56
N TYR B 110 -29.78 -9.11 -2.49
CA TYR B 110 -30.12 -9.82 -1.25
C TYR B 110 -29.28 -11.07 -1.18
N ASN B 111 -28.61 -11.31 -0.05
CA ASN B 111 -27.76 -12.49 0.13
C ASN B 111 -28.11 -13.24 1.37
N TYR B 112 -28.06 -14.57 1.32
CA TYR B 112 -28.25 -15.39 2.51
C TYR B 112 -27.04 -15.21 3.42
N PHE B 113 -27.13 -15.75 4.65
CA PHE B 113 -26.07 -15.65 5.65
C PHE B 113 -24.74 -16.27 5.15
N ASP B 114 -24.82 -17.27 4.23
CA ASP B 114 -23.63 -17.89 3.63
C ASP B 114 -23.13 -17.11 2.38
N GLY B 115 -23.71 -15.94 2.10
CA GLY B 115 -23.30 -15.10 0.97
C GLY B 115 -24.03 -15.35 -0.33
N ASN B 116 -24.74 -16.48 -0.46
CA ASN B 116 -25.44 -16.82 -1.70
C ASN B 116 -26.53 -15.83 -2.03
N VAL B 117 -26.62 -15.49 -3.33
CA VAL B 117 -27.56 -14.54 -3.87
C VAL B 117 -28.98 -15.08 -3.82
N ILE B 118 -29.88 -14.34 -3.16
CA ILE B 118 -31.30 -14.66 -3.11
C ILE B 118 -31.92 -14.09 -4.40
N LYS B 119 -31.73 -12.78 -4.59
CA LYS B 119 -32.30 -12.02 -5.72
C LYS B 119 -31.55 -10.70 -5.86
N HIS B 120 -31.70 -10.08 -7.02
CA HIS B 120 -31.10 -8.78 -7.32
C HIS B 120 -32.09 -7.95 -8.12
N GLU B 121 -32.27 -6.68 -7.72
CA GLU B 121 -33.17 -5.71 -8.36
C GLU B 121 -32.42 -4.44 -8.75
N SER B 122 -32.86 -3.76 -9.81
CA SER B 122 -32.24 -2.52 -10.26
C SER B 122 -33.30 -1.46 -10.41
N TYR B 123 -33.14 -0.33 -9.70
CA TYR B 123 -34.11 0.76 -9.73
C TYR B 123 -33.54 1.97 -10.40
N ASP B 124 -34.34 2.62 -11.25
CA ASP B 124 -33.94 3.85 -11.93
C ASP B 124 -33.76 4.98 -10.93
N LEU B 125 -32.72 5.77 -11.12
CA LEU B 125 -32.44 6.91 -10.26
C LEU B 125 -32.88 8.17 -11.03
N PRO B 126 -33.99 8.83 -10.61
CA PRO B 126 -34.52 9.97 -11.38
C PRO B 126 -33.61 11.19 -11.46
N ASP B 127 -32.76 11.40 -10.45
CA ASP B 127 -31.82 12.54 -10.36
C ASP B 127 -30.65 12.21 -9.43
N GLU B 128 -29.75 13.19 -9.25
CA GLU B 128 -28.52 13.09 -8.45
C GLU B 128 -28.76 13.09 -6.91
N LYS B 129 -29.91 13.59 -6.45
CA LYS B 129 -30.21 13.75 -5.02
C LYS B 129 -30.13 12.47 -4.18
N VAL B 130 -29.46 12.57 -3.01
CA VAL B 130 -29.31 11.52 -2.00
C VAL B 130 -30.73 11.19 -1.45
N SER B 131 -31.62 12.20 -1.39
CA SER B 131 -33.01 12.07 -0.96
C SER B 131 -33.76 11.11 -1.89
N SER B 132 -33.47 11.14 -3.20
CA SER B 132 -34.08 10.24 -4.20
C SER B 132 -33.57 8.81 -4.01
N ILE B 133 -32.30 8.64 -3.56
CA ILE B 133 -31.73 7.32 -3.27
C ILE B 133 -32.47 6.72 -2.06
N LEU B 134 -32.61 7.53 -0.99
CA LEU B 134 -33.26 7.14 0.27
C LEU B 134 -34.73 6.84 0.05
N SER B 135 -35.38 7.58 -0.86
CA SER B 135 -36.79 7.36 -1.24
C SER B 135 -36.95 5.97 -1.88
N ILE B 136 -36.00 5.56 -2.76
CA ILE B 136 -36.00 4.22 -3.39
C ILE B 136 -35.81 3.15 -2.31
N ILE B 137 -34.85 3.36 -1.38
CA ILE B 137 -34.54 2.43 -0.29
C ILE B 137 -35.80 2.21 0.58
N LYS B 138 -36.50 3.33 0.95
CA LYS B 138 -37.71 3.30 1.76
C LYS B 138 -38.92 2.68 1.04
N LYS B 139 -39.03 2.85 -0.30
CA LYS B 139 -40.16 2.35 -1.10
C LYS B 139 -40.01 0.92 -1.58
N HIS B 140 -38.77 0.44 -1.82
CA HIS B 140 -38.59 -0.88 -2.41
C HIS B 140 -37.90 -1.90 -1.51
N ILE B 141 -37.56 -1.55 -0.28
CA ILE B 141 -36.96 -2.51 0.65
C ILE B 141 -37.88 -2.67 1.85
N ASP B 142 -38.40 -3.89 2.06
CA ASP B 142 -39.25 -4.21 3.20
C ASP B 142 -38.34 -4.81 4.26
N ILE B 143 -37.93 -4.00 5.26
CA ILE B 143 -36.98 -4.41 6.30
C ILE B 143 -37.57 -5.43 7.29
N GLN B 144 -38.91 -5.58 7.32
CA GLN B 144 -39.61 -6.52 8.20
C GLN B 144 -39.70 -7.92 7.58
N GLU B 145 -39.43 -8.01 6.26
CA GLU B 145 -39.47 -9.27 5.50
C GLU B 145 -38.33 -10.15 5.94
N LYS B 146 -38.64 -11.39 6.31
CA LYS B 146 -37.63 -12.33 6.81
C LYS B 146 -37.04 -13.21 5.70
N LEU B 147 -37.74 -13.36 4.55
CA LEU B 147 -37.32 -14.15 3.39
C LEU B 147 -37.01 -15.61 3.79
N ASP B 148 -37.83 -16.16 4.71
CA ASP B 148 -37.77 -17.53 5.26
C ASP B 148 -36.50 -17.74 6.11
N THR B 149 -35.89 -16.65 6.58
CA THR B 149 -34.71 -16.77 7.44
C THR B 149 -35.19 -16.62 8.88
N TYR B 150 -34.36 -16.99 9.85
CA TYR B 150 -34.76 -16.90 11.26
C TYR B 150 -34.74 -15.48 11.78
N ASN B 151 -33.66 -14.73 11.45
CA ASN B 151 -33.46 -13.39 12.01
C ASN B 151 -33.69 -12.23 11.06
N GLY B 152 -34.01 -12.52 9.79
CA GLY B 152 -34.23 -11.48 8.81
C GLY B 152 -32.97 -10.71 8.47
N LEU B 153 -33.12 -9.39 8.24
CA LEU B 153 -32.04 -8.50 7.83
C LEU B 153 -30.99 -8.37 8.92
N LEU B 154 -29.73 -8.68 8.59
CA LEU B 154 -28.60 -8.62 9.52
C LEU B 154 -27.67 -7.42 9.31
N GLY B 155 -27.66 -6.88 8.09
CA GLY B 155 -26.80 -5.76 7.79
C GLY B 155 -26.89 -5.28 6.36
N VAL B 156 -26.39 -4.08 6.10
CA VAL B 156 -26.44 -3.49 4.76
C VAL B 156 -25.09 -2.98 4.36
N SER B 157 -24.65 -3.33 3.15
CA SER B 157 -23.45 -2.76 2.56
C SER B 157 -23.89 -1.71 1.52
N VAL B 158 -23.20 -0.58 1.47
CA VAL B 158 -23.51 0.49 0.51
C VAL B 158 -22.26 0.79 -0.32
N SER B 159 -22.34 0.61 -1.65
CA SER B 159 -21.22 0.88 -2.54
C SER B 159 -21.43 2.23 -3.21
N ILE B 160 -20.42 3.09 -3.16
CA ILE B 160 -20.52 4.41 -3.79
C ILE B 160 -19.36 4.68 -4.75
N HIS B 161 -19.63 5.52 -5.74
CA HIS B 161 -18.67 6.09 -6.68
C HIS B 161 -18.23 7.36 -5.99
N GLY B 162 -17.35 7.20 -5.03
CA GLY B 162 -16.87 8.31 -4.24
C GLY B 162 -15.94 7.84 -3.15
N VAL B 163 -15.56 8.78 -2.28
CA VAL B 163 -14.61 8.56 -1.22
C VAL B 163 -15.32 8.46 0.14
N VAL B 164 -14.96 7.42 0.90
CA VAL B 164 -15.42 7.21 2.28
C VAL B 164 -14.18 7.22 3.13
N ASP B 165 -14.15 8.06 4.18
CA ASP B 165 -12.97 8.11 5.07
C ASP B 165 -13.00 6.88 6.00
N ASN B 166 -12.01 6.71 6.86
CA ASN B 166 -11.93 5.55 7.76
C ASN B 166 -12.93 5.62 8.93
N GLU B 167 -13.68 6.73 9.06
CA GLU B 167 -14.67 6.90 10.15
C GLU B 167 -16.09 6.86 9.55
N GLN B 168 -16.23 6.27 8.36
CA GLN B 168 -17.48 6.06 7.60
C GLN B 168 -18.16 7.36 7.14
N HIS B 169 -17.39 8.45 6.99
CA HIS B 169 -17.89 9.71 6.43
C HIS B 169 -17.65 9.75 4.92
N VAL B 170 -18.69 10.03 4.16
CA VAL B 170 -18.61 10.19 2.71
C VAL B 170 -18.05 11.61 2.50
N THR B 171 -16.79 11.72 2.02
CA THR B 171 -16.12 13.02 1.84
C THR B 171 -16.09 13.50 0.38
N TYR B 172 -16.44 12.63 -0.58
CA TYR B 172 -16.47 12.99 -1.99
C TYR B 172 -17.44 12.08 -2.69
N LEU B 173 -18.44 12.67 -3.34
CA LEU B 173 -19.53 11.97 -4.03
C LEU B 173 -19.82 12.85 -5.26
N PRO B 174 -19.07 12.62 -6.36
CA PRO B 174 -19.14 13.54 -7.50
C PRO B 174 -20.44 13.62 -8.31
N PHE B 175 -21.10 12.49 -8.62
CA PHE B 175 -22.28 12.50 -9.49
C PHE B 175 -23.58 12.46 -8.70
N HIS B 176 -23.52 12.81 -7.41
CA HIS B 176 -24.69 12.85 -6.53
C HIS B 176 -24.65 14.03 -5.60
N GLU B 177 -25.81 14.66 -5.38
CA GLU B 177 -26.01 15.82 -4.51
C GLU B 177 -26.35 15.34 -3.09
N THR B 178 -25.41 15.52 -2.16
CA THR B 178 -25.47 15.08 -0.76
C THR B 178 -26.53 15.83 0.06
N GLU B 179 -26.65 17.16 -0.12
CA GLU B 179 -27.61 18.03 0.59
C GLU B 179 -27.42 17.99 2.14
N GLY B 180 -26.20 17.68 2.57
CA GLY B 180 -25.83 17.58 3.99
C GLY B 180 -26.17 16.25 4.66
N ILE B 181 -26.91 15.36 3.95
CA ILE B 181 -27.36 14.06 4.44
C ILE B 181 -26.19 13.09 4.62
N SER B 182 -26.18 12.34 5.75
CA SER B 182 -25.20 11.30 6.05
C SER B 182 -25.76 9.96 5.55
N ILE B 183 -25.21 9.43 4.44
CA ILE B 183 -25.65 8.18 3.82
C ILE B 183 -25.65 7.03 4.86
N ALA B 184 -24.53 6.84 5.58
CA ALA B 184 -24.33 5.80 6.60
C ALA B 184 -25.39 5.87 7.68
N LYS B 185 -25.59 7.07 8.26
CA LYS B 185 -26.53 7.31 9.35
C LYS B 185 -27.97 7.20 8.89
N LYS B 186 -28.30 7.73 7.70
CA LYS B 186 -29.67 7.68 7.16
C LYS B 186 -30.10 6.28 6.74
N ILE B 187 -29.19 5.47 6.14
CA ILE B 187 -29.54 4.09 5.76
C ILE B 187 -29.62 3.25 7.08
N LYS B 188 -28.78 3.56 8.10
CA LYS B 188 -28.80 2.87 9.39
C LYS B 188 -30.08 3.18 10.17
N GLU B 189 -30.63 4.39 9.98
CA GLU B 189 -31.87 4.83 10.62
C GLU B 189 -33.07 4.16 9.95
N ILE B 190 -33.05 4.04 8.62
CA ILE B 190 -34.12 3.42 7.83
C ILE B 190 -34.19 1.89 8.08
N THR B 191 -33.02 1.21 8.08
CA THR B 191 -32.93 -0.26 8.17
C THR B 191 -32.73 -0.83 9.59
N ASN B 192 -32.21 -0.02 10.54
CA ASN B 192 -31.96 -0.39 11.95
C ASN B 192 -31.04 -1.64 12.10
N VAL B 193 -30.03 -1.74 11.22
CA VAL B 193 -29.03 -2.83 11.24
C VAL B 193 -27.62 -2.23 11.02
N PRO B 194 -26.51 -2.95 11.34
CA PRO B 194 -25.18 -2.42 11.02
C PRO B 194 -25.06 -2.11 9.51
N VAL B 195 -24.41 -0.98 9.18
CA VAL B 195 -24.25 -0.49 7.81
C VAL B 195 -22.78 -0.17 7.53
N VAL B 196 -22.26 -0.69 6.37
CA VAL B 196 -20.93 -0.37 5.91
C VAL B 196 -21.06 0.40 4.58
N VAL B 197 -20.32 1.50 4.46
CA VAL B 197 -20.27 2.31 3.24
C VAL B 197 -18.84 2.20 2.72
N GLU B 198 -18.68 1.96 1.42
CA GLU B 198 -17.37 1.77 0.86
C GLU B 198 -17.36 2.16 -0.63
N ASN B 199 -16.18 2.55 -1.12
CA ASN B 199 -15.93 2.89 -2.51
C ASN B 199 -16.10 1.61 -3.38
N GLU B 200 -16.70 1.75 -4.55
CA GLU B 200 -16.99 0.66 -5.47
C GLU B 200 -15.71 -0.10 -5.92
N ALA B 201 -14.59 0.61 -6.17
CA ALA B 201 -13.37 -0.05 -6.62
C ALA B 201 -12.73 -0.85 -5.46
N ASN B 202 -12.85 -0.35 -4.22
CA ASN B 202 -12.39 -1.03 -3.00
C ASN B 202 -13.17 -2.33 -2.80
N LEU B 203 -14.48 -2.29 -3.02
CA LEU B 203 -15.36 -3.46 -2.90
C LEU B 203 -15.03 -4.51 -3.97
N SER B 204 -14.75 -4.06 -5.20
CA SER B 204 -14.36 -4.92 -6.32
C SER B 204 -13.01 -5.63 -6.05
N ALA B 205 -12.10 -4.94 -5.34
CA ALA B 205 -10.78 -5.49 -4.96
C ALA B 205 -10.95 -6.56 -3.88
N LEU B 206 -11.89 -6.32 -2.95
CA LEU B 206 -12.22 -7.32 -1.93
C LEU B 206 -12.79 -8.57 -2.63
N TYR B 207 -13.66 -8.39 -3.66
CA TYR B 207 -14.20 -9.52 -4.42
C TYR B 207 -13.08 -10.30 -5.14
N GLU B 208 -12.12 -9.59 -5.78
CA GLU B 208 -11.01 -10.25 -6.50
C GLU B 208 -10.09 -11.04 -5.55
N ARG B 209 -9.89 -10.53 -4.34
CA ARG B 209 -9.07 -11.21 -3.32
C ARG B 209 -9.63 -12.58 -3.02
N ASN B 210 -10.95 -12.68 -2.88
CA ASN B 210 -11.58 -13.95 -2.56
C ASN B 210 -11.53 -14.89 -3.74
N PHE B 211 -11.83 -14.37 -4.93
CA PHE B 211 -11.85 -15.08 -6.21
C PHE B 211 -10.47 -15.64 -6.57
N ASN B 212 -9.41 -14.89 -6.23
CA ASN B 212 -8.04 -15.26 -6.59
C ASN B 212 -7.19 -15.59 -5.36
N HIS B 213 -7.84 -15.94 -4.24
CA HIS B 213 -7.17 -16.36 -3.00
C HIS B 213 -6.45 -17.71 -3.19
N ASN B 214 -6.99 -18.61 -4.05
CA ASN B 214 -6.38 -19.93 -4.30
C ASN B 214 -5.04 -19.80 -5.04
N LEU B 215 -4.78 -18.62 -5.66
CA LEU B 215 -3.55 -18.30 -6.38
C LEU B 215 -2.56 -17.57 -5.47
N SER B 216 -2.98 -17.29 -4.20
CA SER B 216 -2.24 -16.55 -3.18
C SER B 216 -1.82 -15.16 -3.69
N TYR B 217 -2.73 -14.45 -4.40
CA TYR B 217 -2.43 -13.09 -4.85
C TYR B 217 -2.76 -12.11 -3.72
N ASN B 218 -1.83 -11.97 -2.76
CA ASN B 218 -2.05 -11.12 -1.61
C ASN B 218 -1.85 -9.62 -1.94
N ASN B 219 -1.40 -9.30 -3.16
CA ASN B 219 -1.22 -7.93 -3.66
C ASN B 219 -1.91 -7.81 -4.99
N LEU B 220 -3.00 -7.04 -5.03
CA LEU B 220 -3.69 -6.88 -6.30
C LEU B 220 -4.40 -5.53 -6.37
N ILE B 221 -4.79 -5.16 -7.59
CA ILE B 221 -5.50 -3.92 -7.85
C ILE B 221 -6.74 -4.20 -8.67
N ALA B 222 -7.87 -3.63 -8.26
CA ALA B 222 -9.11 -3.65 -9.05
C ALA B 222 -9.22 -2.28 -9.67
N LEU B 223 -8.91 -2.15 -10.97
CA LEU B 223 -8.88 -0.86 -11.68
C LEU B 223 -10.22 -0.59 -12.37
N SER B 224 -10.87 0.51 -11.96
CA SER B 224 -12.19 0.91 -12.43
C SER B 224 -12.07 2.08 -13.43
N ILE B 225 -12.50 1.89 -14.69
CA ILE B 225 -12.43 2.94 -15.73
C ILE B 225 -13.83 3.18 -16.30
N HIS B 226 -14.47 4.27 -15.88
CA HIS B 226 -15.81 4.58 -16.39
C HIS B 226 -15.86 6.10 -16.56
N LYS B 227 -16.61 6.84 -15.72
CA LYS B 227 -16.62 8.30 -15.79
C LYS B 227 -15.31 8.84 -15.23
N GLY B 228 -14.81 8.16 -14.20
CA GLY B 228 -13.53 8.46 -13.56
C GLY B 228 -12.63 7.24 -13.63
N ILE B 229 -11.50 7.30 -12.91
CA ILE B 229 -10.52 6.21 -12.83
C ILE B 229 -10.25 5.98 -11.36
N GLY B 230 -10.57 4.78 -10.91
CA GLY B 230 -10.38 4.43 -9.52
C GLY B 230 -9.70 3.09 -9.37
N ALA B 231 -9.13 2.86 -8.21
CA ALA B 231 -8.43 1.61 -7.94
C ALA B 231 -8.70 1.16 -6.53
N GLY B 232 -9.06 -0.12 -6.37
CA GLY B 232 -9.19 -0.77 -5.09
C GLY B 232 -7.87 -1.49 -4.88
N LEU B 233 -7.25 -1.27 -3.75
CA LEU B 233 -5.92 -1.82 -3.49
C LEU B 233 -5.94 -2.92 -2.43
N ILE B 234 -5.46 -4.11 -2.81
CA ILE B 234 -5.25 -5.18 -1.84
C ILE B 234 -3.74 -5.21 -1.60
N ILE B 235 -3.32 -4.94 -0.37
CA ILE B 235 -1.91 -4.94 0.01
C ILE B 235 -1.76 -5.88 1.19
N ASN B 236 -0.93 -6.92 1.01
CA ASN B 236 -0.68 -7.94 2.02
C ASN B 236 -2.02 -8.53 2.50
N ASN B 237 -2.90 -8.90 1.55
CA ASN B 237 -4.21 -9.53 1.75
C ASN B 237 -5.25 -8.61 2.42
N GLN B 238 -4.96 -7.32 2.53
CA GLN B 238 -5.90 -6.42 3.17
C GLN B 238 -6.22 -5.26 2.27
N LEU B 239 -7.47 -4.80 2.33
CA LEU B 239 -7.92 -3.63 1.64
C LEU B 239 -7.18 -2.43 2.23
N TYR B 240 -6.38 -1.75 1.40
CA TYR B 240 -5.65 -0.57 1.85
C TYR B 240 -6.42 0.67 1.43
N ARG B 241 -6.86 1.46 2.42
CA ARG B 241 -7.70 2.64 2.16
C ARG B 241 -6.96 3.97 2.29
N GLY B 242 -5.76 3.95 2.88
CA GLY B 242 -5.01 5.18 3.11
C GLY B 242 -5.49 5.87 4.38
N ALA B 243 -4.78 6.95 4.79
CA ALA B 243 -5.07 7.72 6.00
C ALA B 243 -6.47 8.36 5.96
N ASN B 244 -6.97 8.76 4.76
CA ASN B 244 -8.28 9.43 4.64
C ASN B 244 -9.27 8.64 3.78
N GLY B 245 -8.94 7.40 3.43
CA GLY B 245 -9.81 6.59 2.58
C GLY B 245 -9.64 6.93 1.11
N GLU B 246 -8.57 7.70 0.76
CA GLU B 246 -8.31 8.14 -0.60
C GLU B 246 -7.24 7.34 -1.35
N ALA B 247 -6.70 6.25 -0.77
CA ALA B 247 -5.74 5.44 -1.54
C ALA B 247 -6.43 4.92 -2.82
N GLY B 248 -5.70 4.90 -3.92
CA GLY B 248 -6.23 4.40 -5.19
C GLY B 248 -7.08 5.38 -5.97
N GLU B 249 -7.08 6.68 -5.57
CA GLU B 249 -7.83 7.73 -6.28
C GLU B 249 -6.97 8.23 -7.44
N ILE B 250 -6.55 7.29 -8.26
CA ILE B 250 -5.61 7.46 -9.35
C ILE B 250 -6.12 8.39 -10.46
N GLY B 251 -7.44 8.53 -10.58
CA GLY B 251 -8.08 9.42 -11.54
C GLY B 251 -7.71 10.89 -11.34
N LYS B 252 -7.32 11.26 -10.09
CA LYS B 252 -6.93 12.63 -9.70
C LYS B 252 -5.45 12.90 -9.95
N THR B 253 -4.67 11.90 -10.41
CA THR B 253 -3.25 12.10 -10.76
C THR B 253 -3.14 13.21 -11.79
N LEU B 254 -2.21 14.17 -11.57
CA LEU B 254 -2.04 15.28 -12.50
C LEU B 254 -0.90 15.06 -13.47
N VAL B 255 -1.16 15.34 -14.76
CA VAL B 255 -0.18 15.25 -15.84
C VAL B 255 -0.17 16.59 -16.56
N SER B 256 1.00 17.03 -17.01
CA SER B 256 1.08 18.32 -17.69
C SER B 256 1.09 18.21 -19.19
N LYS B 257 0.55 19.24 -19.81
CA LYS B 257 0.44 19.46 -21.25
C LYS B 257 0.78 20.93 -21.50
N VAL B 258 1.80 21.19 -22.32
CA VAL B 258 2.19 22.56 -22.63
C VAL B 258 1.34 23.04 -23.80
N SER B 259 0.62 24.15 -23.59
CA SER B 259 -0.23 24.81 -24.58
C SER B 259 0.02 26.30 -24.54
N ASP B 260 0.33 26.89 -25.71
CA ASP B 260 0.65 28.30 -25.91
C ASP B 260 1.78 28.72 -24.94
N ASN B 261 2.83 27.88 -24.87
CA ASN B 261 4.04 28.02 -24.05
C ASN B 261 3.72 28.05 -22.53
N VAL B 262 2.54 27.51 -22.13
CA VAL B 262 2.08 27.45 -20.74
C VAL B 262 1.81 25.99 -20.35
N GLU B 263 2.48 25.52 -19.30
CA GLU B 263 2.31 24.17 -18.78
C GLU B 263 1.02 24.11 -17.96
N ILE B 264 0.03 23.34 -18.47
CA ILE B 264 -1.27 23.15 -17.82
C ILE B 264 -1.35 21.72 -17.28
N PHE B 265 -1.80 21.56 -16.02
CA PHE B 265 -1.96 20.27 -15.37
C PHE B 265 -3.40 19.81 -15.47
N HIS B 266 -3.58 18.54 -15.83
CA HIS B 266 -4.89 17.92 -16.00
C HIS B 266 -4.94 16.63 -15.24
N LYS B 267 -6.13 16.31 -14.69
CA LYS B 267 -6.43 15.05 -14.03
C LYS B 267 -6.51 13.98 -15.13
N ILE B 268 -5.85 12.82 -14.93
CA ILE B 268 -5.84 11.78 -15.97
C ILE B 268 -7.28 11.30 -16.34
N GLU B 269 -8.24 11.35 -15.36
CA GLU B 269 -9.64 10.96 -15.59
C GLU B 269 -10.33 11.93 -16.56
N ASP B 270 -9.74 13.10 -16.80
CA ASP B 270 -10.27 14.05 -17.77
C ASP B 270 -9.64 13.80 -19.14
N ILE B 271 -8.66 12.87 -19.22
CA ILE B 271 -7.94 12.55 -20.48
C ILE B 271 -8.28 11.15 -21.00
N PHE B 272 -8.11 10.12 -20.15
CA PHE B 272 -8.35 8.76 -20.64
C PHE B 272 -9.26 7.90 -19.75
N SER B 273 -10.30 8.53 -19.17
CA SER B 273 -11.37 7.73 -18.54
C SER B 273 -12.25 7.31 -19.73
N GLN B 274 -13.22 6.40 -19.56
CA GLN B 274 -14.07 6.04 -20.70
C GLN B 274 -14.90 7.25 -21.14
N GLU B 275 -15.41 8.07 -20.17
CA GLU B 275 -16.21 9.26 -20.47
C GLU B 275 -15.39 10.27 -21.29
N ALA B 276 -14.12 10.49 -20.89
CA ALA B 276 -13.19 11.38 -21.58
C ALA B 276 -12.96 10.95 -23.02
N LEU B 277 -12.79 9.62 -23.27
CA LEU B 277 -12.62 9.03 -24.61
C LEU B 277 -13.84 9.33 -25.47
N LEU B 278 -15.04 9.07 -24.92
CA LEU B 278 -16.29 9.32 -25.62
C LEU B 278 -16.47 10.82 -25.91
N HIS B 279 -16.03 11.68 -24.95
CA HIS B 279 -16.08 13.15 -25.08
C HIS B 279 -15.16 13.66 -26.21
N ASN B 280 -13.90 13.16 -26.28
CA ASN B 280 -12.95 13.59 -27.31
C ASN B 280 -13.38 13.05 -28.69
N LEU B 281 -14.08 11.89 -28.75
CA LEU B 281 -14.61 11.36 -30.02
C LEU B 281 -15.85 12.14 -30.43
N SER B 282 -16.61 12.70 -29.46
CA SER B 282 -17.79 13.53 -29.72
C SER B 282 -17.38 14.86 -30.39
N ASN B 283 -16.22 15.41 -30.01
CA ASN B 283 -15.65 16.66 -30.54
C ASN B 283 -15.06 16.43 -31.93
N GLN B 284 -14.36 15.30 -32.14
CA GLN B 284 -13.73 14.92 -33.40
C GLN B 284 -14.74 14.53 -34.49
N LEU B 285 -15.82 13.81 -34.11
CA LEU B 285 -16.85 13.34 -35.06
C LEU B 285 -18.06 14.28 -35.12
N ASN B 286 -18.07 15.34 -34.28
CA ASN B 286 -19.13 16.36 -34.19
C ASN B 286 -20.54 15.74 -34.02
N GLU B 287 -20.63 14.65 -33.23
CA GLU B 287 -21.89 13.95 -32.92
C GLU B 287 -21.80 13.35 -31.52
N LYS B 288 -22.95 13.21 -30.82
CA LYS B 288 -22.99 12.66 -29.47
C LYS B 288 -22.55 11.19 -29.49
N MET B 289 -21.37 10.90 -28.90
CA MET B 289 -20.82 9.55 -28.88
C MET B 289 -21.13 8.80 -27.59
N THR B 290 -21.85 7.66 -27.75
CA THR B 290 -22.22 6.71 -26.70
C THR B 290 -21.29 5.52 -26.83
N LEU B 291 -21.25 4.64 -25.82
CA LEU B 291 -20.45 3.44 -25.86
C LEU B 291 -20.86 2.55 -27.05
N SER B 292 -22.17 2.41 -27.29
CA SER B 292 -22.72 1.61 -28.37
C SER B 292 -22.28 2.14 -29.74
N LYS B 293 -22.22 3.47 -29.89
CA LYS B 293 -21.78 4.10 -31.14
C LYS B 293 -20.29 3.90 -31.33
N LEU B 294 -19.50 4.01 -30.25
CA LEU B 294 -18.06 3.80 -30.28
C LEU B 294 -17.73 2.39 -30.81
N ILE B 295 -18.32 1.33 -30.23
CA ILE B 295 -18.10 -0.07 -30.62
C ILE B 295 -18.48 -0.27 -32.10
N GLN B 296 -19.64 0.31 -32.53
CA GLN B 296 -20.14 0.23 -33.90
C GLN B 296 -19.16 0.88 -34.89
N PHE B 297 -18.74 2.12 -34.60
CA PHE B 297 -17.81 2.87 -35.43
C PHE B 297 -16.43 2.18 -35.47
N TYR B 298 -16.01 1.54 -34.34
CA TYR B 298 -14.75 0.80 -34.23
C TYR B 298 -14.77 -0.46 -35.07
N ASN B 299 -15.87 -1.25 -35.00
CA ASN B 299 -16.04 -2.48 -35.80
C ASN B 299 -16.11 -2.16 -37.29
N GLU B 300 -16.66 -0.97 -37.66
CA GLU B 300 -16.76 -0.46 -39.04
C GLU B 300 -15.41 0.07 -39.53
N LYS B 301 -14.44 0.18 -38.60
CA LYS B 301 -13.08 0.67 -38.81
C LYS B 301 -13.05 2.14 -39.29
N ASN B 302 -13.87 3.01 -38.65
CA ASN B 302 -13.87 4.47 -38.86
C ASN B 302 -12.46 4.95 -38.45
N PRO B 303 -11.72 5.63 -39.36
CA PRO B 303 -10.32 5.99 -39.06
C PRO B 303 -10.10 6.88 -37.83
N VAL B 304 -11.01 7.81 -37.54
CA VAL B 304 -10.90 8.70 -36.38
C VAL B 304 -10.98 7.86 -35.09
N VAL B 305 -11.93 6.90 -35.07
CA VAL B 305 -12.17 6.01 -33.95
C VAL B 305 -11.02 4.98 -33.81
N VAL B 306 -10.52 4.40 -34.95
CA VAL B 306 -9.47 3.38 -34.90
C VAL B 306 -8.16 3.95 -34.32
N GLU B 307 -7.77 5.17 -34.73
CA GLU B 307 -6.58 5.86 -34.23
C GLU B 307 -6.72 6.22 -32.72
N GLU B 308 -7.88 6.80 -32.33
CA GLU B 308 -8.15 7.19 -30.94
C GLU B 308 -8.12 5.97 -30.01
N MET B 309 -8.61 4.81 -30.50
CA MET B 309 -8.61 3.56 -29.74
C MET B 309 -7.17 3.06 -29.53
N GLU B 310 -6.30 3.13 -30.57
CA GLU B 310 -4.89 2.74 -30.49
C GLU B 310 -4.16 3.60 -29.44
N GLN B 311 -4.51 4.91 -29.37
CA GLN B 311 -3.99 5.86 -28.40
C GLN B 311 -4.54 5.54 -27.01
N PHE B 312 -5.85 5.18 -26.91
CA PHE B 312 -6.50 4.86 -25.65
C PHE B 312 -5.90 3.58 -25.07
N ILE B 313 -5.73 2.53 -25.92
CA ILE B 313 -5.14 1.24 -25.54
C ILE B 313 -3.71 1.48 -25.01
N ASN B 314 -2.94 2.35 -25.69
CA ASN B 314 -1.56 2.68 -25.31
C ASN B 314 -1.51 3.41 -23.96
N LYS B 315 -2.41 4.38 -23.72
CA LYS B 315 -2.46 5.12 -22.46
C LYS B 315 -2.82 4.20 -21.28
N ILE B 316 -3.70 3.22 -21.50
CA ILE B 316 -4.11 2.27 -20.48
C ILE B 316 -2.96 1.32 -20.21
N ALA B 317 -2.22 0.88 -21.26
CA ALA B 317 -1.04 0.02 -21.08
C ALA B 317 0.03 0.73 -20.22
N VAL B 318 0.26 2.05 -20.46
CA VAL B 318 1.22 2.89 -19.72
C VAL B 318 0.72 3.05 -18.30
N LEU B 319 -0.59 3.25 -18.11
CA LEU B 319 -1.24 3.34 -16.80
C LEU B 319 -0.96 2.07 -15.99
N ILE B 320 -1.10 0.88 -16.62
CA ILE B 320 -0.82 -0.41 -15.97
C ILE B 320 0.67 -0.49 -15.60
N HIS B 321 1.57 -0.03 -16.50
CA HIS B 321 3.01 -0.01 -16.21
C HIS B 321 3.29 0.91 -15.00
N ASN B 322 2.65 2.08 -14.96
CA ASN B 322 2.83 3.05 -13.90
C ASN B 322 2.31 2.48 -12.57
N LEU B 323 1.15 1.83 -12.58
CA LEU B 323 0.57 1.19 -11.40
C LEU B 323 1.48 0.05 -10.92
N ASN B 324 2.11 -0.65 -11.86
CA ASN B 324 3.05 -1.72 -11.51
C ASN B 324 4.33 -1.17 -10.91
N THR B 325 4.85 -0.02 -11.39
CA THR B 325 6.10 0.53 -10.84
C THR B 325 5.81 1.22 -9.48
N GLN B 326 4.55 1.58 -9.24
CA GLN B 326 4.17 2.23 -8.00
C GLN B 326 3.85 1.18 -6.93
N PHE B 327 2.92 0.26 -7.25
CA PHE B 327 2.40 -0.73 -6.31
C PHE B 327 2.98 -2.11 -6.49
N ASN B 328 3.48 -2.45 -7.70
CA ASN B 328 4.05 -3.77 -8.01
C ASN B 328 3.13 -4.94 -7.51
N PRO B 329 1.84 -4.97 -7.94
CA PRO B 329 0.95 -6.05 -7.48
C PRO B 329 1.20 -7.36 -8.23
N ASN B 330 0.60 -8.45 -7.77
CA ASN B 330 0.65 -9.74 -8.49
C ASN B 330 -0.22 -9.66 -9.72
N ALA B 331 -1.32 -8.92 -9.60
CA ALA B 331 -2.33 -8.87 -10.66
C ALA B 331 -3.12 -7.60 -10.64
N ILE B 332 -3.67 -7.25 -11.78
CA ILE B 332 -4.55 -6.11 -11.94
C ILE B 332 -5.79 -6.61 -12.68
N TYR B 333 -6.97 -6.23 -12.19
CA TYR B 333 -8.27 -6.61 -12.77
C TYR B 333 -8.92 -5.34 -13.21
N ILE B 334 -9.14 -5.21 -14.52
CA ILE B 334 -9.71 -3.99 -15.08
C ILE B 334 -11.20 -4.14 -15.26
N ASN B 335 -11.96 -3.14 -14.76
CA ASN B 335 -13.40 -3.03 -14.95
C ASN B 335 -13.71 -1.77 -15.75
N CYS B 336 -13.81 -1.93 -17.07
CA CYS B 336 -14.11 -0.87 -18.03
C CYS B 336 -15.22 -1.36 -18.95
N PRO B 337 -16.41 -0.70 -18.99
CA PRO B 337 -17.51 -1.21 -19.85
C PRO B 337 -17.10 -1.50 -21.30
N LEU B 338 -16.22 -0.66 -21.92
CA LEU B 338 -15.73 -0.88 -23.28
C LEU B 338 -15.00 -2.23 -23.43
N PHE B 339 -14.13 -2.57 -22.45
CA PHE B 339 -13.36 -3.81 -22.45
C PHE B 339 -14.25 -5.01 -22.17
N ASN B 340 -15.29 -4.85 -21.30
CA ASN B 340 -16.22 -5.94 -21.03
C ASN B 340 -17.06 -6.25 -22.26
N GLU B 341 -17.30 -5.24 -23.13
CA GLU B 341 -18.08 -5.46 -24.35
C GLU B 341 -17.21 -6.04 -25.46
N MET B 342 -15.90 -5.74 -25.44
CA MET B 342 -14.92 -6.21 -26.43
C MET B 342 -13.70 -6.81 -25.69
N PRO B 343 -13.84 -8.02 -25.06
CA PRO B 343 -12.75 -8.56 -24.24
C PRO B 343 -11.43 -8.80 -24.97
N GLU B 344 -11.43 -8.88 -26.31
CA GLU B 344 -10.21 -9.08 -27.10
C GLU B 344 -9.24 -7.88 -26.95
N ILE B 345 -9.76 -6.68 -26.56
CA ILE B 345 -8.94 -5.48 -26.34
C ILE B 345 -7.92 -5.74 -25.21
N LEU B 346 -8.20 -6.70 -24.28
CA LEU B 346 -7.28 -7.09 -23.21
C LEU B 346 -5.95 -7.53 -23.82
N GLU B 347 -6.00 -8.35 -24.92
CA GLU B 347 -4.79 -8.80 -25.62
C GLU B 347 -4.02 -7.64 -26.24
N ALA B 348 -4.72 -6.60 -26.74
CA ALA B 348 -4.06 -5.43 -27.33
C ALA B 348 -3.38 -4.61 -26.23
N ILE B 349 -4.02 -4.53 -25.03
CA ILE B 349 -3.45 -3.85 -23.86
C ILE B 349 -2.20 -4.61 -23.42
N LYS B 350 -2.28 -5.95 -23.31
CA LYS B 350 -1.17 -6.82 -22.91
C LYS B 350 0.01 -6.69 -23.89
N ASN B 351 -0.28 -6.67 -25.21
CA ASN B 351 0.74 -6.50 -26.27
C ASN B 351 1.42 -5.14 -26.18
N GLN B 352 0.63 -4.07 -25.96
CA GLN B 352 1.15 -2.71 -25.84
C GLN B 352 1.96 -2.55 -24.51
N PHE B 353 1.55 -3.26 -23.45
CA PHE B 353 2.23 -3.24 -22.14
C PHE B 353 3.69 -3.76 -22.25
N LYS B 354 3.91 -4.79 -23.11
CA LYS B 354 5.21 -5.42 -23.37
C LYS B 354 6.24 -4.45 -23.97
N GLN B 355 5.77 -3.33 -24.57
CA GLN B 355 6.65 -2.32 -25.15
C GLN B 355 7.33 -1.49 -24.05
N TYR B 356 6.71 -1.45 -22.87
CA TYR B 356 7.14 -0.65 -21.72
C TYR B 356 7.73 -1.46 -20.58
N SER B 357 7.29 -2.73 -20.42
CA SER B 357 7.75 -3.55 -19.31
C SER B 357 7.85 -5.06 -19.64
N ARG B 358 8.81 -5.74 -18.99
CA ARG B 358 9.01 -7.19 -19.08
C ARG B 358 8.44 -7.91 -17.84
N ASN B 359 7.89 -7.15 -16.86
CA ASN B 359 7.29 -7.70 -15.64
C ASN B 359 6.15 -8.68 -15.99
N GLU B 360 6.03 -9.73 -15.19
CA GLU B 360 5.07 -10.80 -15.40
C GLU B 360 3.73 -10.56 -14.68
N ILE B 361 3.43 -9.29 -14.33
CA ILE B 361 2.14 -8.93 -13.71
C ILE B 361 0.98 -9.52 -14.52
N GLN B 362 0.02 -10.13 -13.84
CA GLN B 362 -1.16 -10.67 -14.49
C GLN B 362 -2.09 -9.51 -14.81
N ILE B 363 -2.38 -9.29 -16.10
CA ILE B 363 -3.30 -8.23 -16.53
C ILE B 363 -4.58 -8.92 -16.97
N LYS B 364 -5.68 -8.67 -16.23
CA LYS B 364 -6.95 -9.33 -16.51
C LYS B 364 -8.10 -8.36 -16.49
N LEU B 365 -9.25 -8.81 -17.01
CA LEU B 365 -10.48 -8.07 -16.89
C LEU B 365 -11.12 -8.50 -15.56
N THR B 366 -12.08 -7.72 -15.04
CA THR B 366 -12.83 -8.04 -13.84
C THR B 366 -13.31 -9.49 -13.89
N SER B 367 -13.28 -10.21 -12.75
CA SER B 367 -13.67 -11.61 -12.73
C SER B 367 -15.20 -11.76 -12.76
N ASN B 368 -15.95 -10.67 -12.51
CA ASN B 368 -17.41 -10.71 -12.52
C ASN B 368 -17.97 -9.32 -12.92
N VAL B 369 -18.30 -9.17 -14.21
CA VAL B 369 -18.79 -7.90 -14.76
C VAL B 369 -20.01 -7.40 -13.98
N LYS B 370 -21.02 -8.23 -13.86
CA LYS B 370 -22.27 -7.84 -13.24
C LYS B 370 -22.22 -7.70 -11.71
N PHE B 371 -21.47 -8.58 -11.03
CA PHE B 371 -21.62 -8.59 -9.58
C PHE B 371 -20.37 -8.44 -8.72
N ALA B 372 -19.16 -8.22 -9.28
CA ALA B 372 -17.96 -8.06 -8.44
C ALA B 372 -18.17 -7.01 -7.31
N THR B 373 -18.69 -5.81 -7.64
CA THR B 373 -18.91 -4.74 -6.67
C THR B 373 -19.92 -5.13 -5.62
N LEU B 374 -21.11 -5.60 -6.06
CA LEU B 374 -22.18 -6.02 -5.16
C LEU B 374 -21.73 -7.15 -4.22
N LEU B 375 -21.02 -8.16 -4.76
CA LEU B 375 -20.55 -9.30 -3.96
C LEU B 375 -19.40 -8.88 -3.03
N GLY B 376 -18.58 -7.91 -3.44
CA GLY B 376 -17.56 -7.34 -2.57
C GLY B 376 -18.23 -6.67 -1.39
N GLY B 377 -19.39 -6.03 -1.62
CA GLY B 377 -20.21 -5.40 -0.59
C GLY B 377 -20.76 -6.45 0.37
N THR B 378 -21.24 -7.58 -0.17
CA THR B 378 -21.71 -8.71 0.64
C THR B 378 -20.59 -9.15 1.60
N LEU B 379 -19.37 -9.32 1.07
CA LEU B 379 -18.21 -9.70 1.86
C LEU B 379 -17.92 -8.70 2.97
N ALA B 380 -17.96 -7.40 2.66
CA ALA B 380 -17.63 -6.36 3.63
C ALA B 380 -18.65 -6.33 4.78
N ILE B 381 -19.94 -6.56 4.48
CA ILE B 381 -20.95 -6.54 5.54
C ILE B 381 -20.88 -7.83 6.36
N ILE B 382 -20.55 -8.99 5.73
CA ILE B 382 -20.40 -10.25 6.44
C ILE B 382 -19.25 -10.09 7.45
N GLN B 383 -18.10 -9.58 6.99
CA GLN B 383 -16.90 -9.37 7.81
C GLN B 383 -17.19 -8.42 8.96
N LYS B 384 -17.96 -7.34 8.72
CA LYS B 384 -18.28 -6.39 9.78
C LYS B 384 -19.19 -7.00 10.86
N VAL B 385 -20.34 -7.61 10.46
CA VAL B 385 -21.32 -8.13 11.43
C VAL B 385 -20.69 -9.28 12.27
N LEU B 386 -19.89 -10.14 11.63
CA LEU B 386 -19.25 -11.27 12.31
C LEU B 386 -17.97 -10.89 13.05
N GLN B 387 -17.33 -9.77 12.67
CA GLN B 387 -16.07 -9.28 13.23
C GLN B 387 -14.98 -10.33 12.94
N ILE B 388 -14.97 -10.82 11.68
CA ILE B 388 -14.02 -11.82 11.17
C ILE B 388 -13.39 -11.17 9.94
N ASN B 389 -12.08 -10.98 9.95
CA ASN B 389 -11.33 -10.15 8.99
C ASN B 389 -10.86 -10.79 7.66
N ASP B 390 -10.84 -12.13 7.51
CA ASP B 390 -10.29 -12.73 6.29
C ASP B 390 -11.17 -13.83 5.73
N ILE B 391 -12.39 -13.46 5.34
CA ILE B 391 -13.33 -14.41 4.77
C ILE B 391 -13.07 -14.42 3.26
N TYR B 392 -12.92 -15.63 2.72
CA TYR B 392 -12.67 -15.89 1.31
C TYR B 392 -13.79 -16.75 0.75
N LEU B 393 -14.98 -16.17 0.62
CA LEU B 393 -16.06 -16.93 0.02
C LEU B 393 -16.16 -16.48 -1.42
N ASP B 394 -16.36 -17.40 -2.35
CA ASP B 394 -16.44 -17.01 -3.75
C ASP B 394 -17.69 -17.57 -4.43
N ILE B 395 -18.79 -16.80 -4.34
CA ILE B 395 -20.03 -17.02 -5.06
C ILE B 395 -19.97 -16.05 -6.25
N LYS B 396 -20.61 -16.38 -7.38
CA LYS B 396 -20.51 -15.52 -8.57
C LYS B 396 -21.87 -15.01 -9.06
N ALA B 397 -22.97 -15.69 -8.68
CA ALA B 397 -24.35 -15.34 -9.09
C ALA B 397 -25.39 -16.20 -8.34
#